data_7MQ4
#
_entry.id   7MQ4
#
_entity_poly.entity_id   1
_entity_poly.type   'polypeptide(L)'
_entity_poly.pdbx_seq_one_letter_code
;SAGIATFKLVLNGKTLKGETTTEAVDAATALKNFGAYAQDVGVDGAWTYDDATKTFTVGERLIFKVKMPEDRMNDLARQL
RQRDNVSRVEVTRYK
;
_entity_poly.pdbx_strand_id   A
#
# COMPACT_ATOMS: atom_id res chain seq x y z
N SER A 1 -6.62 11.18 -14.31
CA SER A 1 -8.02 11.57 -14.27
C SER A 1 -8.22 12.81 -13.43
N ALA A 2 -8.79 13.85 -14.04
CA ALA A 2 -9.03 15.11 -13.35
C ALA A 2 -9.91 14.91 -12.12
N GLY A 3 -9.53 15.53 -11.01
CA GLY A 3 -10.32 15.48 -9.79
C GLY A 3 -9.92 14.29 -8.93
N ILE A 4 -9.07 13.41 -9.49
CA ILE A 4 -8.64 12.22 -8.79
C ILE A 4 -7.18 12.34 -8.36
N ALA A 5 -6.92 12.05 -7.08
CA ALA A 5 -5.57 12.15 -6.54
C ALA A 5 -4.65 11.08 -7.11
N THR A 6 -3.36 11.39 -7.20
CA THR A 6 -2.36 10.41 -7.58
C THR A 6 -1.53 9.98 -6.37
N PHE A 7 -1.36 8.68 -6.21
CA PHE A 7 -0.56 8.14 -5.11
C PHE A 7 0.64 7.36 -5.64
N LYS A 8 1.73 7.39 -4.87
CA LYS A 8 2.96 6.70 -5.27
C LYS A 8 3.23 5.50 -4.39
N LEU A 9 3.69 4.41 -5.01
CA LEU A 9 4.16 3.25 -4.26
C LEU A 9 5.65 3.00 -4.50
N VAL A 10 6.40 2.90 -3.40
CA VAL A 10 7.81 2.50 -3.48
C VAL A 10 7.96 0.99 -3.37
N LEU A 11 8.66 0.40 -4.33
CA LEU A 11 8.85 -1.04 -4.36
C LEU A 11 10.22 -1.43 -3.82
N ASN A 12 10.23 -2.09 -2.66
CA ASN A 12 11.47 -2.40 -1.97
C ASN A 12 11.47 -3.85 -1.49
N GLY A 13 11.06 -4.76 -2.35
CA GLY A 13 10.98 -6.17 -2.00
C GLY A 13 12.25 -6.91 -2.41
N LYS A 14 12.20 -8.23 -2.41
CA LYS A 14 13.35 -9.05 -2.75
C LYS A 14 13.63 -9.00 -4.25
N THR A 15 12.58 -9.17 -5.05
CA THR A 15 12.72 -9.17 -6.50
C THR A 15 11.94 -8.01 -7.13
N LEU A 16 11.03 -7.44 -6.36
CA LEU A 16 10.18 -6.36 -6.85
C LEU A 16 10.74 -5.00 -6.43
N LYS A 17 11.37 -4.30 -7.36
CA LYS A 17 12.05 -3.05 -7.06
C LYS A 17 11.75 -2.00 -8.12
N GLY A 18 11.59 -0.75 -7.69
CA GLY A 18 11.28 0.34 -8.60
C GLY A 18 10.16 1.21 -8.05
N GLU A 19 9.43 1.87 -8.96
CA GLU A 19 8.36 2.77 -8.56
C GLU A 19 7.12 2.54 -9.41
N THR A 20 5.94 2.74 -8.81
CA THR A 20 4.69 2.77 -9.55
C THR A 20 3.67 3.68 -8.89
N THR A 21 2.65 4.06 -9.65
CA THR A 21 1.63 4.98 -9.15
C THR A 21 0.23 4.45 -9.42
N THR A 22 -0.77 5.09 -8.82
CA THR A 22 -2.16 4.78 -9.12
C THR A 22 -3.04 6.02 -8.96
N GLU A 23 -4.15 6.05 -9.68
CA GLU A 23 -5.20 7.02 -9.43
C GLU A 23 -6.21 6.52 -8.41
N ALA A 24 -6.56 7.36 -7.45
CA ALA A 24 -7.46 6.98 -6.38
C ALA A 24 -8.11 8.21 -5.75
N VAL A 25 -9.23 7.98 -5.06
CA VAL A 25 -9.94 9.06 -4.37
C VAL A 25 -9.43 9.24 -2.95
N ASP A 26 -8.77 8.20 -2.43
CA ASP A 26 -8.21 8.26 -1.09
C ASP A 26 -7.10 7.23 -0.92
N ALA A 27 -6.44 7.27 0.23
CA ALA A 27 -5.34 6.35 0.51
C ALA A 27 -5.83 4.91 0.56
N ALA A 28 -7.03 4.72 1.10
CA ALA A 28 -7.60 3.38 1.24
C ALA A 28 -7.75 2.70 -0.12
N THR A 29 -8.27 3.45 -1.10
CA THR A 29 -8.41 2.94 -2.45
C THR A 29 -7.05 2.70 -3.09
N ALA A 30 -6.13 3.63 -2.88
CA ALA A 30 -4.79 3.52 -3.45
C ALA A 30 -4.10 2.25 -2.99
N LEU A 31 -4.25 1.93 -1.71
CA LEU A 31 -3.64 0.73 -1.14
C LEU A 31 -4.23 -0.52 -1.77
N LYS A 32 -5.54 -0.53 -1.95
CA LYS A 32 -6.22 -1.69 -2.55
C LYS A 32 -5.76 -1.91 -3.98
N ASN A 33 -5.59 -0.83 -4.73
CA ASN A 33 -5.03 -0.91 -6.07
C ASN A 33 -3.60 -1.42 -6.06
N PHE A 34 -2.80 -0.88 -5.15
CA PHE A 34 -1.41 -1.30 -5.01
C PHE A 34 -1.32 -2.76 -4.57
N GLY A 35 -2.26 -3.18 -3.72
CA GLY A 35 -2.37 -4.57 -3.34
C GLY A 35 -2.48 -5.47 -4.55
N ALA A 36 -3.42 -5.16 -5.43
CA ALA A 36 -3.64 -5.94 -6.65
C ALA A 36 -2.37 -6.03 -7.48
N TYR A 37 -1.67 -4.90 -7.61
CA TYR A 37 -0.41 -4.85 -8.32
C TYR A 37 0.59 -5.84 -7.74
N ALA A 38 0.79 -5.75 -6.42
CA ALA A 38 1.76 -6.60 -5.75
C ALA A 38 1.41 -8.07 -5.92
N GLN A 39 0.11 -8.38 -5.84
CA GLN A 39 -0.36 -9.76 -5.99
C GLN A 39 -0.01 -10.32 -7.36
N ASP A 40 -0.20 -9.50 -8.39
CA ASP A 40 0.04 -9.94 -9.77
C ASP A 40 1.51 -10.30 -9.98
N VAL A 41 2.39 -9.66 -9.21
CA VAL A 41 3.82 -9.89 -9.34
C VAL A 41 4.35 -10.77 -8.21
N GLY A 42 3.44 -11.44 -7.51
CA GLY A 42 3.81 -12.51 -6.59
C GLY A 42 4.40 -11.94 -5.30
N VAL A 43 3.96 -10.73 -4.95
CA VAL A 43 4.45 -10.08 -3.73
C VAL A 43 3.30 -9.70 -2.82
N ASP A 44 3.48 -9.94 -1.52
CA ASP A 44 2.50 -9.55 -0.52
C ASP A 44 3.15 -9.40 0.86
N GLY A 45 3.96 -8.35 1.02
CA GLY A 45 4.75 -8.17 2.23
C GLY A 45 4.15 -7.09 3.12
N ALA A 46 5.00 -6.39 3.86
CA ALA A 46 4.55 -5.33 4.75
C ALA A 46 3.99 -4.14 3.97
N TRP A 47 2.89 -3.60 4.45
CA TRP A 47 2.25 -2.47 3.79
C TRP A 47 2.22 -1.25 4.69
N THR A 48 3.07 -0.26 4.38
CA THR A 48 3.11 0.98 5.13
C THR A 48 2.96 2.18 4.21
N TYR A 49 2.60 3.32 4.79
CA TYR A 49 2.43 4.55 4.02
C TYR A 49 2.32 5.76 4.95
N ASP A 50 2.45 6.95 4.37
CA ASP A 50 2.19 8.19 5.10
C ASP A 50 1.29 9.12 4.30
N ASP A 51 0.07 9.31 4.78
CA ASP A 51 -0.93 10.08 4.06
C ASP A 51 -0.47 11.51 3.82
N ALA A 52 0.45 11.97 4.67
CA ALA A 52 0.93 13.35 4.60
C ALA A 52 1.55 13.65 3.25
N THR A 53 2.15 12.63 2.64
CA THR A 53 2.85 12.80 1.37
C THR A 53 2.26 11.92 0.29
N LYS A 54 1.25 11.13 0.66
CA LYS A 54 0.65 10.17 -0.27
C LYS A 54 1.68 9.18 -0.78
N THR A 55 2.51 8.68 0.13
CA THR A 55 3.57 7.74 -0.23
C THR A 55 3.33 6.37 0.38
N PHE A 56 3.34 5.34 -0.46
CA PHE A 56 3.25 3.97 0.02
C PHE A 56 4.59 3.24 -0.14
N THR A 57 4.82 2.25 0.71
CA THR A 57 5.95 1.35 0.55
C THR A 57 5.55 -0.10 0.79
N VAL A 58 6.00 -1.00 -0.08
CA VAL A 58 5.76 -2.42 0.08
C VAL A 58 7.04 -3.22 -0.06
N GLY A 59 7.18 -4.27 0.75
CA GLY A 59 8.30 -5.19 0.63
C GLY A 59 8.16 -6.35 1.61
N GLU A 60 8.70 -7.51 1.22
CA GLU A 60 8.65 -8.69 2.06
C GLU A 60 9.91 -8.82 2.90
N ARG A 61 9.79 -9.44 4.08
CA ARG A 61 10.92 -9.65 4.96
C ARG A 61 11.71 -10.89 4.58
N LEU A 62 13.02 -10.84 4.76
CA LEU A 62 13.88 -11.99 4.53
C LEU A 62 14.01 -12.84 5.78
N ILE A 63 14.00 -14.16 5.60
CA ILE A 63 14.09 -15.09 6.72
C ILE A 63 15.43 -15.83 6.71
N PHE A 64 16.11 -15.82 7.86
CA PHE A 64 17.39 -16.51 7.99
C PHE A 64 17.37 -17.49 9.15
N LYS A 65 18.20 -18.53 9.04
CA LYS A 65 18.33 -19.52 10.12
C LYS A 65 16.96 -20.07 10.51
N VAL A 66 16.55 -19.79 11.74
CA VAL A 66 15.28 -20.31 12.26
C VAL A 66 14.32 -19.18 12.57
N LYS A 67 14.56 -18.01 11.99
CA LYS A 67 13.70 -16.86 12.20
C LYS A 67 12.28 -17.13 11.72
N MET A 68 11.30 -16.75 12.54
CA MET A 68 9.90 -16.81 12.14
C MET A 68 9.48 -15.53 11.43
N PRO A 69 8.48 -15.65 10.57
CA PRO A 69 7.91 -14.48 9.89
C PRO A 69 7.55 -13.39 10.89
N GLU A 70 7.86 -12.14 10.54
CA GLU A 70 7.64 -11.02 11.43
C GLU A 70 6.15 -10.72 11.59
N ASP A 71 5.78 -10.23 12.77
CA ASP A 71 4.38 -10.01 13.10
C ASP A 71 3.84 -8.75 12.42
N ARG A 72 4.68 -7.73 12.35
CA ARG A 72 4.31 -6.48 11.72
C ARG A 72 3.98 -6.67 10.24
N MET A 73 4.76 -7.53 9.58
CA MET A 73 4.50 -7.87 8.19
C MET A 73 3.16 -8.57 8.02
N ASN A 74 2.96 -9.63 8.80
CA ASN A 74 1.73 -10.42 8.71
C ASN A 74 0.51 -9.60 9.09
N ASP A 75 0.68 -8.73 10.08
CA ASP A 75 -0.40 -7.87 10.54
C ASP A 75 -0.87 -6.93 9.44
N LEU A 76 0.08 -6.17 8.88
CA LEU A 76 -0.24 -5.18 7.86
C LEU A 76 -0.84 -5.84 6.62
N ALA A 77 -0.28 -6.98 6.24
CA ALA A 77 -0.82 -7.75 5.12
C ALA A 77 -2.23 -8.25 5.42
N ARG A 78 -2.43 -8.76 6.62
CA ARG A 78 -3.73 -9.26 7.03
C ARG A 78 -4.81 -8.20 6.88
N GLN A 79 -4.50 -6.98 7.33
CA GLN A 79 -5.46 -5.89 7.30
C GLN A 79 -5.91 -5.59 5.87
N LEU A 80 -4.97 -5.66 4.94
CA LEU A 80 -5.28 -5.43 3.52
C LEU A 80 -6.02 -6.62 2.93
N ARG A 81 -5.57 -7.83 3.27
CA ARG A 81 -6.17 -9.05 2.75
C ARG A 81 -7.65 -9.13 3.10
N GLN A 82 -7.99 -8.70 4.31
CA GLN A 82 -9.38 -8.71 4.77
C GLN A 82 -10.24 -7.77 3.96
N ARG A 83 -9.60 -6.86 3.24
CA ARG A 83 -10.31 -5.85 2.46
C ARG A 83 -10.17 -6.12 0.96
N ASP A 84 -9.67 -7.29 0.62
CA ASP A 84 -9.42 -7.64 -0.76
C ASP A 84 -10.72 -7.69 -1.57
N ASN A 85 -10.86 -6.79 -2.52
CA ASN A 85 -12.08 -6.68 -3.31
C ASN A 85 -13.28 -6.36 -2.43
N VAL A 86 -13.04 -5.59 -1.37
CA VAL A 86 -14.12 -5.10 -0.52
C VAL A 86 -14.25 -3.58 -0.61
N SER A 87 -15.42 -3.12 -1.03
CA SER A 87 -15.67 -1.69 -1.20
C SER A 87 -16.38 -1.10 0.00
N ARG A 88 -16.85 -1.98 0.89
CA ARG A 88 -17.69 -1.55 2.01
C ARG A 88 -16.84 -1.25 3.25
N VAL A 89 -15.53 -1.46 3.13
CA VAL A 89 -14.63 -1.29 4.25
C VAL A 89 -13.48 -0.35 3.91
N GLU A 90 -13.20 0.58 4.79
CA GLU A 90 -12.10 1.53 4.60
C GLU A 90 -10.83 1.05 5.28
N VAL A 91 -9.69 1.57 4.83
CA VAL A 91 -8.41 1.26 5.46
C VAL A 91 -8.10 2.21 6.59
N THR A 92 -7.73 1.67 7.74
CA THR A 92 -7.27 2.47 8.86
C THR A 92 -5.95 3.17 8.54
N ARG A 93 -5.91 4.47 8.79
CA ARG A 93 -4.72 5.26 8.47
C ARG A 93 -3.49 4.76 9.23
N TYR A 94 -2.39 4.59 8.50
CA TYR A 94 -1.14 4.13 9.10
C TYR A 94 -0.54 5.21 10.00
N LYS A 95 -0.09 4.80 11.18
CA LYS A 95 0.55 5.72 12.11
C LYS A 95 1.91 5.21 12.58
N SER A 1 -8.83 10.61 -14.30
CA SER A 1 -9.73 11.69 -13.89
C SER A 1 -8.96 12.86 -13.30
N ALA A 2 -8.84 13.94 -14.08
CA ALA A 2 -8.06 15.09 -13.68
C ALA A 2 -8.56 15.65 -12.34
N GLY A 3 -7.62 16.07 -11.49
CA GLY A 3 -7.96 16.67 -10.21
C GLY A 3 -7.92 15.64 -9.10
N ILE A 4 -7.89 14.37 -9.46
CA ILE A 4 -7.84 13.28 -8.48
C ILE A 4 -6.45 13.19 -7.86
N ALA A 5 -6.41 12.83 -6.58
CA ALA A 5 -5.15 12.63 -5.87
C ALA A 5 -4.32 11.52 -6.51
N THR A 6 -3.01 11.69 -6.51
CA THR A 6 -2.10 10.66 -7.01
C THR A 6 -1.27 10.08 -5.87
N PHE A 7 -1.20 8.76 -5.82
CA PHE A 7 -0.42 8.07 -4.80
C PHE A 7 0.74 7.28 -5.42
N LYS A 8 1.82 7.15 -4.66
CA LYS A 8 2.98 6.38 -5.13
C LYS A 8 3.14 5.09 -4.32
N LEU A 9 3.69 4.07 -4.97
CA LEU A 9 4.07 2.84 -4.29
C LEU A 9 5.52 2.49 -4.55
N VAL A 10 6.25 2.19 -3.48
CA VAL A 10 7.61 1.65 -3.60
C VAL A 10 7.66 0.20 -3.15
N LEU A 11 8.28 -0.65 -3.97
CA LEU A 11 8.30 -2.09 -3.71
C LEU A 11 9.73 -2.59 -3.56
N ASN A 12 9.93 -3.49 -2.59
CA ASN A 12 11.23 -4.13 -2.41
C ASN A 12 11.06 -5.61 -2.10
N GLY A 13 11.07 -6.43 -3.15
CA GLY A 13 10.90 -7.87 -2.99
C GLY A 13 12.26 -8.57 -2.87
N LYS A 14 12.23 -9.89 -2.84
CA LYS A 14 13.45 -10.69 -2.75
C LYS A 14 14.29 -10.56 -4.02
N THR A 15 13.62 -10.55 -5.17
CA THR A 15 14.30 -10.48 -6.45
C THR A 15 13.73 -9.35 -7.31
N LEU A 16 12.52 -8.93 -7.00
CA LEU A 16 11.83 -7.90 -7.78
C LEU A 16 11.64 -6.63 -6.97
N LYS A 17 11.81 -5.49 -7.62
CA LYS A 17 11.65 -4.19 -6.96
C LYS A 17 11.37 -3.09 -7.97
N GLY A 18 10.91 -1.95 -7.47
CA GLY A 18 10.64 -0.79 -8.32
C GLY A 18 9.60 0.12 -7.69
N GLU A 19 8.96 0.94 -8.52
CA GLU A 19 7.97 1.89 -8.05
C GLU A 19 6.88 2.12 -9.08
N THR A 20 5.68 2.47 -8.62
CA THR A 20 4.58 2.83 -9.50
C THR A 20 3.66 3.84 -8.85
N THR A 21 2.60 4.21 -9.57
CA THR A 21 1.62 5.16 -9.06
C THR A 21 0.20 4.70 -9.34
N THR A 22 -0.78 5.35 -8.70
CA THR A 22 -2.18 5.12 -9.02
C THR A 22 -3.00 6.39 -8.80
N GLU A 23 -4.10 6.51 -9.54
CA GLU A 23 -5.14 7.48 -9.21
C GLU A 23 -6.09 6.93 -8.16
N ALA A 24 -6.40 7.75 -7.16
CA ALA A 24 -7.28 7.34 -6.07
C ALA A 24 -7.91 8.56 -5.39
N VAL A 25 -9.07 8.34 -4.78
CA VAL A 25 -9.76 9.41 -4.06
C VAL A 25 -9.31 9.48 -2.61
N ASP A 26 -8.72 8.39 -2.12
CA ASP A 26 -8.22 8.34 -0.75
C ASP A 26 -7.17 7.25 -0.59
N ALA A 27 -6.59 7.16 0.60
CA ALA A 27 -5.56 6.18 0.88
C ALA A 27 -6.09 4.75 0.74
N ALA A 28 -7.34 4.55 1.17
CA ALA A 28 -7.94 3.22 1.14
C ALA A 28 -8.05 2.69 -0.27
N THR A 29 -8.47 3.56 -1.19
CA THR A 29 -8.59 3.19 -2.60
C THR A 29 -7.21 2.91 -3.20
N ALA A 30 -6.25 3.76 -2.89
CA ALA A 30 -4.89 3.58 -3.35
C ALA A 30 -4.30 2.27 -2.86
N LEU A 31 -4.57 1.95 -1.60
CA LEU A 31 -4.09 0.71 -0.99
C LEU A 31 -4.66 -0.50 -1.71
N LYS A 32 -5.96 -0.47 -1.99
CA LYS A 32 -6.62 -1.55 -2.69
C LYS A 32 -5.93 -1.86 -4.02
N ASN A 33 -5.69 -0.81 -4.80
CA ASN A 33 -5.02 -0.96 -6.09
C ASN A 33 -3.59 -1.45 -5.91
N PHE A 34 -2.87 -0.82 -4.99
CA PHE A 34 -1.46 -1.16 -4.77
C PHE A 34 -1.30 -2.58 -4.26
N GLY A 35 -2.23 -3.00 -3.40
CA GLY A 35 -2.22 -4.36 -2.88
C GLY A 35 -2.20 -5.38 -4.01
N ALA A 36 -3.17 -5.27 -4.91
CA ALA A 36 -3.25 -6.18 -6.05
C ALA A 36 -1.99 -6.11 -6.91
N TYR A 37 -1.53 -4.90 -7.17
CA TYR A 37 -0.33 -4.69 -7.98
C TYR A 37 0.87 -5.43 -7.39
N ALA A 38 1.13 -5.18 -6.10
CA ALA A 38 2.29 -5.75 -5.44
C ALA A 38 2.29 -7.27 -5.54
N GLN A 39 1.12 -7.88 -5.37
CA GLN A 39 0.98 -9.31 -5.47
C GLN A 39 1.33 -9.81 -6.86
N ASP A 40 0.84 -9.10 -7.88
CA ASP A 40 1.03 -9.51 -9.26
C ASP A 40 2.51 -9.49 -9.64
N VAL A 41 3.27 -8.61 -9.00
CA VAL A 41 4.68 -8.44 -9.30
C VAL A 41 5.56 -9.11 -8.25
N GLY A 42 4.97 -10.04 -7.50
CA GLY A 42 5.74 -10.98 -6.70
C GLY A 42 6.31 -10.32 -5.46
N VAL A 43 5.61 -9.31 -4.96
CA VAL A 43 6.01 -8.63 -3.73
C VAL A 43 4.91 -8.69 -2.69
N ASP A 44 5.16 -9.40 -1.59
CA ASP A 44 4.12 -9.69 -0.61
C ASP A 44 4.70 -9.75 0.80
N GLY A 45 4.34 -8.77 1.62
CA GLY A 45 4.89 -8.68 2.98
C GLY A 45 4.40 -7.42 3.67
N ALA A 46 5.25 -6.85 4.52
CA ALA A 46 4.84 -5.74 5.38
C ALA A 46 4.51 -4.50 4.57
N TRP A 47 3.56 -3.72 5.05
CA TRP A 47 3.18 -2.47 4.40
C TRP A 47 3.39 -1.27 5.32
N THR A 48 3.72 -0.13 4.73
CA THR A 48 3.63 1.15 5.44
C THR A 48 2.99 2.22 4.57
N TYR A 49 2.59 3.32 5.19
CA TYR A 49 2.01 4.45 4.46
C TYR A 49 2.44 5.77 5.07
N ASP A 50 2.83 6.71 4.21
CA ASP A 50 3.21 8.04 4.65
C ASP A 50 2.32 9.11 4.03
N ASP A 51 1.32 9.56 4.79
CA ASP A 51 0.34 10.51 4.31
C ASP A 51 1.01 11.83 3.93
N ALA A 52 2.08 12.17 4.63
CA ALA A 52 2.83 13.40 4.36
C ALA A 52 3.32 13.43 2.92
N THR A 53 3.62 12.26 2.37
CA THR A 53 4.14 12.15 1.02
C THR A 53 3.24 11.28 0.15
N LYS A 54 2.07 10.93 0.69
CA LYS A 54 1.08 10.17 -0.07
C LYS A 54 1.72 8.96 -0.75
N THR A 55 2.56 8.25 -0.01
CA THR A 55 3.32 7.14 -0.58
C THR A 55 3.14 5.87 0.24
N PHE A 56 2.91 4.76 -0.46
CA PHE A 56 2.93 3.44 0.18
C PHE A 56 4.25 2.73 -0.06
N THR A 57 4.62 1.86 0.86
CA THR A 57 5.74 0.95 0.65
C THR A 57 5.36 -0.49 0.97
N VAL A 58 5.98 -1.43 0.28
CA VAL A 58 5.82 -2.85 0.59
C VAL A 58 7.12 -3.62 0.34
N GLY A 59 7.44 -4.54 1.24
CA GLY A 59 8.62 -5.38 1.09
C GLY A 59 8.29 -6.84 1.39
N GLU A 60 8.82 -7.74 0.57
CA GLU A 60 8.47 -9.15 0.64
C GLU A 60 8.95 -9.76 1.96
N ARG A 61 8.09 -10.56 2.57
CA ARG A 61 8.41 -11.18 3.86
C ARG A 61 9.62 -12.09 3.75
N LEU A 62 10.60 -11.88 4.61
CA LEU A 62 11.85 -12.64 4.57
C LEU A 62 11.90 -13.67 5.69
N ILE A 63 10.83 -13.74 6.47
CA ILE A 63 10.84 -14.53 7.70
C ILE A 63 9.69 -15.53 7.72
N PHE A 64 9.69 -16.42 8.71
CA PHE A 64 8.62 -17.39 8.87
C PHE A 64 7.39 -16.77 9.52
N LYS A 65 6.21 -17.21 9.10
CA LYS A 65 4.97 -16.63 9.56
C LYS A 65 4.81 -16.76 11.07
N VAL A 66 5.51 -17.74 11.65
CA VAL A 66 5.37 -18.03 13.06
C VAL A 66 5.99 -16.93 13.91
N LYS A 67 6.75 -16.06 13.27
CA LYS A 67 7.39 -14.94 13.98
C LYS A 67 6.57 -13.67 13.85
N MET A 68 5.46 -13.76 13.13
CA MET A 68 4.62 -12.59 12.87
C MET A 68 3.29 -12.70 13.60
N PRO A 69 3.03 -11.71 14.46
CA PRO A 69 1.78 -11.69 15.23
C PRO A 69 0.57 -11.91 14.33
N GLU A 70 -0.38 -12.70 14.82
CA GLU A 70 -1.53 -13.10 14.02
C GLU A 70 -2.30 -11.90 13.51
N ASP A 71 -2.65 -11.90 12.22
CA ASP A 71 -3.51 -10.88 11.65
C ASP A 71 -2.88 -9.50 11.74
N ARG A 72 -1.57 -9.48 11.94
CA ARG A 72 -0.81 -8.23 11.93
C ARG A 72 -1.16 -7.39 10.71
N MET A 73 -1.34 -8.05 9.58
CA MET A 73 -1.58 -7.36 8.32
C MET A 73 -2.89 -6.60 8.34
N ASN A 74 -3.84 -7.08 9.14
CA ASN A 74 -5.13 -6.43 9.26
C ASN A 74 -5.05 -5.16 10.09
N ASP A 75 -4.22 -5.20 11.13
CA ASP A 75 -3.93 -4.01 11.92
C ASP A 75 -3.25 -2.93 11.08
N LEU A 76 -2.38 -3.37 10.17
CA LEU A 76 -1.76 -2.45 9.21
C LEU A 76 -2.81 -1.86 8.28
N ALA A 77 -3.72 -2.70 7.80
CA ALA A 77 -4.76 -2.25 6.88
C ALA A 77 -5.53 -1.06 7.46
N ARG A 78 -5.75 -1.09 8.76
CA ARG A 78 -6.34 0.05 9.47
C ARG A 78 -5.40 1.25 9.48
N GLN A 79 -4.14 1.00 9.84
CA GLN A 79 -3.15 2.07 9.93
C GLN A 79 -2.91 2.72 8.58
N LEU A 80 -2.99 1.92 7.52
CA LEU A 80 -2.61 2.37 6.18
C LEU A 80 -3.66 3.31 5.62
N ARG A 81 -4.76 3.48 6.34
CA ARG A 81 -5.83 4.37 5.91
C ARG A 81 -5.91 5.62 6.79
N GLN A 82 -4.93 5.76 7.68
CA GLN A 82 -4.89 6.90 8.60
C GLN A 82 -4.01 8.01 8.05
N ARG A 83 -4.24 9.22 8.54
CA ARG A 83 -3.37 10.35 8.20
C ARG A 83 -2.29 10.55 9.25
N ASP A 84 -2.23 9.63 10.21
CA ASP A 84 -1.17 9.65 11.22
C ASP A 84 0.13 9.11 10.67
N ASN A 85 1.16 9.95 10.65
CA ASN A 85 2.41 9.61 9.99
C ASN A 85 3.31 8.78 10.89
N VAL A 86 2.79 8.45 12.08
CA VAL A 86 3.49 7.54 13.00
C VAL A 86 2.76 6.22 13.11
N SER A 87 3.45 5.14 12.74
CA SER A 87 2.85 3.80 12.79
C SER A 87 2.47 3.42 14.21
N ARG A 88 1.31 2.78 14.35
CA ARG A 88 0.86 2.27 15.64
C ARG A 88 0.84 0.75 15.67
N VAL A 89 1.49 0.15 14.68
CA VAL A 89 1.52 -1.31 14.55
C VAL A 89 2.94 -1.85 14.57
N GLU A 90 3.20 -2.76 15.50
CA GLU A 90 4.53 -3.34 15.64
C GLU A 90 4.70 -4.55 14.72
N VAL A 91 5.54 -4.40 13.71
CA VAL A 91 5.72 -5.43 12.70
C VAL A 91 7.08 -6.10 12.82
N THR A 92 7.09 -7.42 12.84
CA THR A 92 8.32 -8.18 13.01
C THR A 92 9.35 -7.82 11.94
N ARG A 93 10.57 -7.53 12.37
CA ARG A 93 11.63 -7.14 11.46
C ARG A 93 11.94 -8.24 10.46
N TYR A 94 12.12 -7.86 9.19
CA TYR A 94 12.54 -8.81 8.16
C TYR A 94 14.06 -8.88 8.07
N LYS A 95 14.58 -10.08 7.88
CA LYS A 95 16.02 -10.27 7.78
C LYS A 95 16.39 -11.05 6.53
N SER A 1 -8.85 14.89 -13.22
CA SER A 1 -10.23 14.68 -12.81
C SER A 1 -10.42 15.02 -11.35
N ALA A 2 -11.37 15.92 -11.08
CA ALA A 2 -11.66 16.34 -9.71
C ALA A 2 -12.02 15.15 -8.83
N GLY A 3 -11.51 15.15 -7.60
CA GLY A 3 -11.81 14.08 -6.65
C GLY A 3 -10.79 12.96 -6.74
N ILE A 4 -9.95 13.00 -7.77
CA ILE A 4 -8.93 11.98 -7.97
C ILE A 4 -7.54 12.53 -7.70
N ALA A 5 -6.74 11.77 -6.95
CA ALA A 5 -5.36 12.15 -6.65
C ALA A 5 -4.39 11.07 -7.09
N THR A 6 -3.15 11.48 -7.37
CA THR A 6 -2.09 10.54 -7.72
C THR A 6 -1.38 10.04 -6.47
N PHE A 7 -1.23 8.72 -6.36
CA PHE A 7 -0.52 8.12 -5.24
C PHE A 7 0.69 7.32 -5.72
N LYS A 8 1.71 7.26 -4.87
CA LYS A 8 2.97 6.63 -5.25
C LYS A 8 3.25 5.39 -4.40
N LEU A 9 3.76 4.35 -5.04
CA LEU A 9 4.21 3.17 -4.32
C LEU A 9 5.69 2.90 -4.56
N VAL A 10 6.43 2.72 -3.48
CA VAL A 10 7.86 2.39 -3.57
C VAL A 10 8.09 0.90 -3.38
N LEU A 11 8.83 0.29 -4.30
CA LEU A 11 9.07 -1.15 -4.27
C LEU A 11 10.49 -1.45 -3.80
N ASN A 12 10.60 -2.02 -2.61
CA ASN A 12 11.89 -2.22 -1.97
C ASN A 12 12.13 -3.70 -1.66
N GLY A 13 11.68 -4.57 -2.55
CA GLY A 13 11.79 -6.01 -2.35
C GLY A 13 13.10 -6.55 -2.92
N LYS A 14 13.17 -7.86 -3.09
CA LYS A 14 14.36 -8.52 -3.61
C LYS A 14 14.24 -8.78 -5.11
N THR A 15 13.00 -9.00 -5.55
CA THR A 15 12.73 -9.20 -6.98
C THR A 15 11.82 -8.11 -7.52
N LEU A 16 11.00 -7.54 -6.64
CA LEU A 16 10.11 -6.44 -7.01
C LEU A 16 10.70 -5.11 -6.61
N LYS A 17 11.26 -4.39 -7.58
CA LYS A 17 11.96 -3.14 -7.31
C LYS A 17 11.52 -2.05 -8.26
N GLY A 18 11.52 -0.81 -7.78
CA GLY A 18 11.22 0.35 -8.62
C GLY A 18 10.12 1.20 -8.01
N GLU A 19 9.47 2.01 -8.84
CA GLU A 19 8.42 2.91 -8.37
C GLU A 19 7.21 2.86 -9.30
N THR A 20 6.02 2.86 -8.71
CA THR A 20 4.79 2.88 -9.47
C THR A 20 3.81 3.91 -8.92
N THR A 21 2.79 4.23 -9.69
CA THR A 21 1.75 5.15 -9.26
C THR A 21 0.36 4.60 -9.53
N THR A 22 -0.65 5.21 -8.92
CA THR A 22 -2.04 4.90 -9.24
C THR A 22 -2.92 6.13 -9.10
N GLU A 23 -4.00 6.18 -9.87
CA GLU A 23 -5.06 7.17 -9.68
C GLU A 23 -6.15 6.62 -8.77
N ALA A 24 -6.48 7.38 -7.73
CA ALA A 24 -7.45 6.94 -6.73
C ALA A 24 -8.15 8.13 -6.09
N VAL A 25 -9.33 7.87 -5.53
CA VAL A 25 -10.06 8.89 -4.79
C VAL A 25 -9.37 9.24 -3.47
N ASP A 26 -8.92 8.20 -2.77
CA ASP A 26 -8.30 8.39 -1.46
C ASP A 26 -7.21 7.36 -1.22
N ALA A 27 -6.54 7.46 -0.08
CA ALA A 27 -5.42 6.59 0.24
C ALA A 27 -5.87 5.13 0.34
N ALA A 28 -7.05 4.92 0.91
CA ALA A 28 -7.60 3.58 1.08
C ALA A 28 -7.78 2.88 -0.26
N THR A 29 -8.30 3.63 -1.24
CA THR A 29 -8.47 3.11 -2.59
C THR A 29 -7.13 2.83 -3.25
N ALA A 30 -6.19 3.75 -3.08
CA ALA A 30 -4.84 3.60 -3.61
C ALA A 30 -4.17 2.35 -3.03
N LEU A 31 -4.38 2.12 -1.74
CA LEU A 31 -3.85 0.94 -1.07
C LEU A 31 -4.38 -0.35 -1.69
N LYS A 32 -5.67 -0.36 -1.97
CA LYS A 32 -6.31 -1.52 -2.60
C LYS A 32 -5.75 -1.76 -3.99
N ASN A 33 -5.56 -0.68 -4.75
CA ASN A 33 -4.99 -0.77 -6.09
C ASN A 33 -3.56 -1.29 -6.03
N PHE A 34 -2.76 -0.72 -5.14
CA PHE A 34 -1.36 -1.13 -4.99
C PHE A 34 -1.27 -2.55 -4.47
N GLY A 35 -2.17 -2.92 -3.57
CA GLY A 35 -2.29 -4.29 -3.11
C GLY A 35 -2.42 -5.26 -4.28
N ALA A 36 -3.39 -4.99 -5.15
CA ALA A 36 -3.64 -5.84 -6.31
C ALA A 36 -2.39 -5.97 -7.17
N TYR A 37 -1.73 -4.85 -7.42
CA TYR A 37 -0.50 -4.84 -8.20
C TYR A 37 0.53 -5.78 -7.63
N ALA A 38 0.85 -5.61 -6.35
CA ALA A 38 1.86 -6.41 -5.69
C ALA A 38 1.51 -7.89 -5.74
N GLN A 39 0.25 -8.21 -5.52
CA GLN A 39 -0.20 -9.60 -5.52
C GLN A 39 -0.08 -10.21 -6.91
N ASP A 40 -0.38 -9.44 -7.94
CA ASP A 40 -0.30 -9.90 -9.31
C ASP A 40 1.12 -10.31 -9.67
N VAL A 41 2.09 -9.69 -9.02
CA VAL A 41 3.50 -9.99 -9.27
C VAL A 41 4.09 -10.85 -8.15
N GLY A 42 3.21 -11.49 -7.39
CA GLY A 42 3.63 -12.56 -6.49
C GLY A 42 4.20 -12.01 -5.19
N VAL A 43 3.86 -10.76 -4.89
CA VAL A 43 4.33 -10.10 -3.68
C VAL A 43 3.17 -9.60 -2.83
N ASP A 44 3.20 -9.90 -1.54
CA ASP A 44 2.24 -9.36 -0.60
C ASP A 44 2.77 -9.43 0.83
N GLY A 45 3.84 -8.69 1.10
CA GLY A 45 4.50 -8.74 2.40
C GLY A 45 4.14 -7.52 3.24
N ALA A 46 5.06 -7.13 4.12
CA ALA A 46 4.86 -5.97 4.98
C ALA A 46 4.50 -4.74 4.15
N TRP A 47 3.51 -3.99 4.61
CA TRP A 47 3.09 -2.75 3.95
C TRP A 47 3.32 -1.55 4.85
N THR A 48 3.65 -0.42 4.24
CA THR A 48 3.58 0.87 4.92
C THR A 48 2.78 1.89 4.10
N TYR A 49 1.92 2.63 4.77
CA TYR A 49 1.17 3.71 4.13
C TYR A 49 1.33 5.03 4.89
N ASP A 50 1.32 6.13 4.16
CA ASP A 50 1.23 7.45 4.77
C ASP A 50 0.32 8.37 3.95
N ASP A 51 -0.82 8.73 4.54
CA ASP A 51 -1.86 9.46 3.81
C ASP A 51 -1.39 10.86 3.43
N ALA A 52 -0.69 11.50 4.35
CA ALA A 52 -0.31 12.91 4.18
C ALA A 52 0.58 13.09 2.96
N THR A 53 1.47 12.13 2.73
CA THR A 53 2.42 12.20 1.63
C THR A 53 1.99 11.34 0.46
N LYS A 54 0.78 10.78 0.56
CA LYS A 54 0.23 9.94 -0.50
C LYS A 54 1.26 8.92 -0.98
N THR A 55 1.95 8.30 -0.03
CA THR A 55 3.07 7.41 -0.35
C THR A 55 2.89 6.05 0.31
N PHE A 56 3.18 4.99 -0.46
CA PHE A 56 3.12 3.64 0.06
C PHE A 56 4.45 2.91 -0.15
N THR A 57 4.72 1.93 0.70
CA THR A 57 5.86 1.04 0.51
C THR A 57 5.48 -0.41 0.74
N VAL A 58 5.99 -1.29 -0.12
CA VAL A 58 5.76 -2.72 0.04
C VAL A 58 7.07 -3.50 -0.03
N GLY A 59 7.19 -4.51 0.83
CA GLY A 59 8.32 -5.43 0.76
C GLY A 59 7.87 -6.84 0.43
N GLU A 60 8.79 -7.79 0.52
CA GLU A 60 8.48 -9.19 0.21
C GLU A 60 8.48 -10.04 1.48
N ARG A 61 8.50 -9.38 2.63
CA ARG A 61 8.46 -10.08 3.91
C ARG A 61 7.05 -10.53 4.25
N LEU A 62 6.81 -11.83 4.17
CA LEU A 62 5.46 -12.36 4.28
C LEU A 62 5.11 -12.71 5.72
N ILE A 63 3.82 -12.72 6.02
CA ILE A 63 3.34 -13.22 7.31
C ILE A 63 2.93 -14.68 7.22
N PHE A 64 3.43 -15.49 8.14
CA PHE A 64 3.19 -16.93 8.12
C PHE A 64 2.37 -17.36 9.32
N LYS A 65 1.88 -18.61 9.27
CA LYS A 65 1.10 -19.17 10.36
C LYS A 65 1.90 -19.17 11.66
N VAL A 66 3.22 -19.05 11.54
CA VAL A 66 4.09 -18.97 12.70
C VAL A 66 3.72 -17.78 13.59
N LYS A 67 3.37 -16.67 12.96
CA LYS A 67 2.98 -15.47 13.69
C LYS A 67 1.47 -15.41 13.90
N MET A 68 0.73 -15.83 12.88
CA MET A 68 -0.73 -15.72 12.90
C MET A 68 -1.39 -17.00 12.41
N PRO A 69 -1.51 -17.97 13.31
CA PRO A 69 -1.97 -19.30 12.94
C PRO A 69 -3.35 -19.25 12.28
N GLU A 70 -4.09 -18.19 12.57
CA GLU A 70 -5.43 -18.02 12.04
C GLU A 70 -5.41 -17.99 10.51
N ASP A 71 -4.28 -17.57 9.95
CA ASP A 71 -4.10 -17.55 8.50
C ASP A 71 -5.22 -16.76 7.82
N ARG A 72 -5.56 -15.61 8.41
CA ARG A 72 -6.55 -14.72 7.82
C ARG A 72 -6.06 -13.28 7.81
N MET A 73 -5.16 -12.97 8.73
CA MET A 73 -4.73 -11.58 8.95
C MET A 73 -3.25 -11.41 8.63
N ASN A 74 -2.85 -10.18 8.34
CA ASN A 74 -1.45 -9.81 8.33
C ASN A 74 -1.20 -8.50 9.08
N ASP A 75 0.04 -8.03 9.06
CA ASP A 75 0.41 -6.83 9.78
C ASP A 75 -0.42 -5.63 9.34
N LEU A 76 -0.63 -5.51 8.03
CA LEU A 76 -1.40 -4.40 7.48
C LEU A 76 -2.84 -4.41 7.97
N ALA A 77 -3.48 -5.56 7.84
CA ALA A 77 -4.91 -5.69 8.14
C ALA A 77 -5.19 -5.29 9.59
N ARG A 78 -4.33 -5.74 10.50
CA ARG A 78 -4.52 -5.47 11.92
C ARG A 78 -4.29 -4.00 12.23
N GLN A 79 -3.14 -3.48 11.82
CA GLN A 79 -2.77 -2.11 12.14
C GLN A 79 -3.67 -1.11 11.42
N LEU A 80 -4.04 -1.44 10.19
CA LEU A 80 -4.89 -0.57 9.39
C LEU A 80 -6.28 -0.43 10.02
N ARG A 81 -6.91 -1.56 10.30
CA ARG A 81 -8.27 -1.56 10.83
C ARG A 81 -8.34 -0.89 12.20
N GLN A 82 -7.28 -1.07 12.99
CA GLN A 82 -7.24 -0.50 14.34
C GLN A 82 -6.75 0.94 14.31
N ARG A 83 -6.48 1.45 13.12
CA ARG A 83 -5.97 2.80 12.97
C ARG A 83 -4.71 3.02 13.80
N ASP A 84 -3.84 2.02 13.81
CA ASP A 84 -2.58 2.10 14.56
C ASP A 84 -1.50 2.79 13.73
N ASN A 85 -0.35 3.01 14.36
CA ASN A 85 0.80 3.57 13.65
C ASN A 85 1.52 2.51 12.84
N VAL A 86 1.18 2.42 11.56
CA VAL A 86 1.61 1.32 10.72
C VAL A 86 3.13 1.18 10.72
N SER A 87 3.61 -0.06 10.82
CA SER A 87 5.05 -0.32 10.84
C SER A 87 5.70 0.12 9.53
N ARG A 88 6.97 0.50 9.61
CA ARG A 88 7.73 0.89 8.43
C ARG A 88 8.44 -0.32 7.82
N VAL A 89 8.23 -0.52 6.51
CA VAL A 89 8.95 -1.54 5.78
C VAL A 89 10.43 -1.22 5.69
N GLU A 90 11.28 -2.18 6.08
CA GLU A 90 12.72 -2.03 5.97
C GLU A 90 13.18 -2.07 4.52
N VAL A 91 13.92 -1.06 4.09
CA VAL A 91 14.30 -0.91 2.70
C VAL A 91 15.50 -1.77 2.35
N THR A 92 15.37 -2.57 1.30
CA THR A 92 16.48 -3.38 0.81
C THR A 92 17.66 -2.51 0.41
N ARG A 93 18.86 -3.01 0.68
CA ARG A 93 20.08 -2.35 0.23
C ARG A 93 20.15 -2.27 -1.28
N TYR A 94 20.52 -1.11 -1.81
CA TYR A 94 20.71 -0.93 -3.23
C TYR A 94 22.19 -0.79 -3.58
N LYS A 95 22.56 -1.26 -4.76
CA LYS A 95 23.93 -1.13 -5.25
C LYS A 95 23.99 -0.41 -6.59
N SER A 1 -8.31 9.95 -14.73
CA SER A 1 -9.47 10.79 -14.43
C SER A 1 -9.07 12.01 -13.62
N ALA A 2 -9.12 13.18 -14.25
CA ALA A 2 -8.74 14.43 -13.60
C ALA A 2 -9.56 14.66 -12.34
N GLY A 3 -8.92 15.19 -11.30
CA GLY A 3 -9.59 15.48 -10.05
C GLY A 3 -9.36 14.37 -9.02
N ILE A 4 -8.87 13.23 -9.51
CA ILE A 4 -8.58 12.10 -8.64
C ILE A 4 -7.13 12.14 -8.15
N ALA A 5 -6.94 11.97 -6.84
CA ALA A 5 -5.61 12.04 -6.25
C ALA A 5 -4.71 10.95 -6.80
N THR A 6 -3.42 11.25 -6.92
CA THR A 6 -2.43 10.26 -7.34
C THR A 6 -1.60 9.78 -6.16
N PHE A 7 -1.48 8.46 -6.02
CA PHE A 7 -0.67 7.87 -4.97
C PHE A 7 0.50 7.09 -5.54
N LYS A 8 1.59 7.02 -4.78
CA LYS A 8 2.79 6.34 -5.23
C LYS A 8 3.15 5.17 -4.31
N LEU A 9 3.65 4.09 -4.90
CA LEU A 9 4.19 2.98 -4.12
C LEU A 9 5.66 2.73 -4.46
N VAL A 10 6.49 2.64 -3.43
CA VAL A 10 7.89 2.27 -3.61
C VAL A 10 8.13 0.82 -3.22
N LEU A 11 8.63 0.02 -4.16
CA LEU A 11 8.78 -1.41 -3.95
C LEU A 11 10.23 -1.77 -3.65
N ASN A 12 10.47 -2.32 -2.47
CA ASN A 12 11.81 -2.74 -2.08
C ASN A 12 11.81 -4.20 -1.63
N GLY A 13 11.69 -5.11 -2.59
CA GLY A 13 11.72 -6.54 -2.29
C GLY A 13 13.11 -7.10 -2.41
N LYS A 14 13.21 -8.42 -2.63
CA LYS A 14 14.50 -9.09 -2.76
C LYS A 14 14.85 -9.32 -4.22
N THR A 15 13.85 -9.71 -5.01
CA THR A 15 14.02 -9.86 -6.45
C THR A 15 13.14 -8.89 -7.22
N LEU A 16 12.18 -8.28 -6.52
CA LEU A 16 11.24 -7.36 -7.15
C LEU A 16 11.41 -5.95 -6.61
N LYS A 17 11.87 -5.05 -7.47
CA LYS A 17 12.12 -3.67 -7.08
C LYS A 17 11.64 -2.69 -8.14
N GLY A 18 11.22 -1.50 -7.71
CA GLY A 18 10.84 -0.44 -8.63
C GLY A 18 9.79 0.47 -8.01
N GLU A 19 9.15 1.28 -8.86
CA GLU A 19 8.15 2.23 -8.39
C GLU A 19 6.92 2.22 -9.28
N THR A 20 5.76 2.48 -8.68
CA THR A 20 4.51 2.57 -9.45
C THR A 20 3.54 3.55 -8.80
N THR A 21 2.56 3.99 -9.57
CA THR A 21 1.56 4.92 -9.08
C THR A 21 0.14 4.43 -9.38
N THR A 22 -0.84 5.05 -8.74
CA THR A 22 -2.24 4.77 -9.04
C THR A 22 -3.11 6.00 -8.80
N GLU A 23 -4.20 6.10 -9.54
CA GLU A 23 -5.25 7.07 -9.24
C GLU A 23 -6.28 6.50 -8.27
N ALA A 24 -6.59 7.26 -7.23
CA ALA A 24 -7.49 6.78 -6.19
C ALA A 24 -8.18 7.95 -5.49
N VAL A 25 -9.37 7.70 -4.96
CA VAL A 25 -10.12 8.73 -4.25
C VAL A 25 -9.56 8.95 -2.85
N ASP A 26 -8.93 7.90 -2.31
CA ASP A 26 -8.33 7.98 -0.99
C ASP A 26 -7.22 6.95 -0.82
N ALA A 27 -6.54 7.00 0.33
CA ALA A 27 -5.43 6.09 0.60
C ALA A 27 -5.91 4.64 0.64
N ALA A 28 -7.10 4.43 1.18
CA ALA A 28 -7.66 3.09 1.29
C ALA A 28 -7.82 2.45 -0.08
N THR A 29 -8.35 3.22 -1.03
CA THR A 29 -8.50 2.75 -2.40
C THR A 29 -7.15 2.52 -3.06
N ALA A 30 -6.21 3.43 -2.81
CA ALA A 30 -4.87 3.33 -3.35
C ALA A 30 -4.20 2.03 -2.92
N LEU A 31 -4.36 1.69 -1.65
CA LEU A 31 -3.81 0.46 -1.10
C LEU A 31 -4.41 -0.76 -1.80
N LYS A 32 -5.71 -0.74 -2.00
CA LYS A 32 -6.41 -1.82 -2.69
C LYS A 32 -5.91 -1.98 -4.12
N ASN A 33 -5.69 -0.85 -4.79
CA ASN A 33 -5.14 -0.85 -6.13
C ASN A 33 -3.72 -1.41 -6.14
N PHE A 34 -2.93 -1.02 -5.14
CA PHE A 34 -1.57 -1.51 -4.99
C PHE A 34 -1.56 -2.98 -4.61
N GLY A 35 -2.60 -3.43 -3.94
CA GLY A 35 -2.83 -4.85 -3.73
C GLY A 35 -2.91 -5.60 -5.05
N ALA A 36 -3.79 -5.13 -5.94
CA ALA A 36 -3.93 -5.72 -7.26
C ALA A 36 -2.61 -5.71 -8.02
N TYR A 37 -1.88 -4.60 -7.91
CA TYR A 37 -0.55 -4.50 -8.48
C TYR A 37 0.35 -5.63 -7.97
N ALA A 38 0.40 -5.79 -6.66
CA ALA A 38 1.22 -6.83 -6.04
C ALA A 38 0.84 -8.21 -6.56
N GLN A 39 -0.46 -8.43 -6.74
CA GLN A 39 -0.96 -9.73 -7.18
C GLN A 39 -0.49 -10.03 -8.59
N ASP A 40 -0.51 -9.03 -9.46
CA ASP A 40 -0.13 -9.19 -10.86
C ASP A 40 1.36 -9.40 -10.99
N VAL A 41 2.13 -8.70 -10.18
CA VAL A 41 3.59 -8.76 -10.25
C VAL A 41 4.13 -9.99 -9.52
N GLY A 42 3.57 -10.26 -8.35
CA GLY A 42 4.05 -11.35 -7.50
C GLY A 42 4.79 -10.81 -6.28
N VAL A 43 4.35 -9.65 -5.80
CA VAL A 43 4.98 -9.02 -4.65
C VAL A 43 4.38 -9.52 -3.34
N ASP A 44 5.24 -9.88 -2.40
CA ASP A 44 4.80 -10.28 -1.07
C ASP A 44 5.60 -9.58 0.01
N GLY A 45 4.99 -8.58 0.64
CA GLY A 45 5.71 -7.69 1.54
C GLY A 45 4.75 -6.91 2.43
N ALA A 46 5.30 -6.10 3.33
CA ALA A 46 4.49 -5.32 4.27
C ALA A 46 4.51 -3.84 3.91
N TRP A 47 3.34 -3.21 3.99
CA TRP A 47 3.19 -1.84 3.55
C TRP A 47 3.31 -0.87 4.72
N THR A 48 3.91 0.28 4.47
CA THR A 48 3.86 1.40 5.41
C THR A 48 3.38 2.67 4.73
N TYR A 49 2.46 3.36 5.37
CA TYR A 49 1.86 4.57 4.80
C TYR A 49 2.08 5.78 5.71
N ASP A 50 2.46 6.91 5.11
CA ASP A 50 2.72 8.12 5.86
C ASP A 50 1.97 9.31 5.28
N ASP A 51 1.01 9.81 6.04
CA ASP A 51 0.14 10.89 5.56
C ASP A 51 0.95 12.11 5.17
N ALA A 52 2.14 12.25 5.77
CA ALA A 52 2.99 13.40 5.52
C ALA A 52 3.38 13.49 4.05
N THR A 53 3.44 12.34 3.39
CA THR A 53 3.83 12.27 1.98
C THR A 53 2.68 11.75 1.12
N LYS A 54 1.75 11.03 1.75
CA LYS A 54 0.70 10.34 1.03
C LYS A 54 1.27 9.32 0.05
N THR A 55 2.43 8.75 0.40
CA THR A 55 3.02 7.69 -0.39
C THR A 55 3.04 6.37 0.37
N PHE A 56 3.16 5.27 -0.35
CA PHE A 56 3.33 3.96 0.26
C PHE A 56 4.74 3.45 0.04
N THR A 57 5.24 2.68 1.02
CA THR A 57 6.42 1.85 0.81
C THR A 57 6.17 0.43 1.29
N VAL A 58 6.59 -0.55 0.48
CA VAL A 58 6.42 -1.96 0.83
C VAL A 58 7.75 -2.67 0.91
N GLY A 59 7.96 -3.42 1.98
CA GLY A 59 9.22 -4.12 2.20
C GLY A 59 8.98 -5.54 2.67
N GLU A 60 9.85 -6.02 3.57
CA GLU A 60 9.83 -7.42 3.98
C GLU A 60 8.48 -7.80 4.59
N ARG A 61 8.02 -9.00 4.27
CA ARG A 61 6.76 -9.50 4.81
C ARG A 61 6.92 -9.95 6.27
N LEU A 62 5.81 -10.02 6.98
CA LEU A 62 5.76 -10.70 8.26
C LEU A 62 5.22 -12.11 8.13
N ILE A 63 5.72 -13.02 8.96
CA ILE A 63 5.27 -14.41 8.96
C ILE A 63 4.18 -14.64 10.00
N PHE A 64 3.01 -15.05 9.54
CA PHE A 64 1.90 -15.38 10.44
C PHE A 64 1.63 -16.87 10.46
N LYS A 65 2.37 -17.61 9.65
CA LYS A 65 2.18 -19.06 9.54
C LYS A 65 2.59 -19.75 10.84
N VAL A 66 3.31 -19.03 11.69
CA VAL A 66 3.73 -19.56 12.98
C VAL A 66 2.72 -19.21 14.07
N LYS A 67 1.69 -18.45 13.70
CA LYS A 67 0.64 -18.07 14.63
C LYS A 67 -0.67 -18.77 14.29
N MET A 68 -0.94 -18.91 13.00
CA MET A 68 -2.18 -19.51 12.54
C MET A 68 -1.91 -20.62 11.51
N PRO A 69 -2.83 -21.57 11.43
CA PRO A 69 -2.74 -22.63 10.44
C PRO A 69 -2.55 -22.06 9.04
N GLU A 70 -1.74 -22.74 8.23
CA GLU A 70 -1.48 -22.30 6.86
C GLU A 70 -2.78 -22.12 6.09
N ASP A 71 -2.91 -20.99 5.40
CA ASP A 71 -4.13 -20.66 4.68
C ASP A 71 -3.84 -20.19 3.27
N ARG A 72 -4.24 -21.01 2.29
CA ARG A 72 -3.93 -20.74 0.89
C ARG A 72 -4.97 -19.84 0.25
N MET A 73 -6.00 -19.48 1.03
CA MET A 73 -7.03 -18.57 0.57
C MET A 73 -6.78 -17.15 1.04
N ASN A 74 -6.16 -17.03 2.22
CA ASN A 74 -5.80 -15.72 2.76
C ASN A 74 -4.32 -15.69 3.16
N ASP A 75 -3.46 -15.39 2.20
CA ASP A 75 -2.02 -15.53 2.39
C ASP A 75 -1.44 -14.34 3.13
N LEU A 76 -0.12 -14.35 3.33
CA LEU A 76 0.53 -13.37 4.18
C LEU A 76 0.37 -11.96 3.65
N ALA A 77 0.54 -11.81 2.34
CA ALA A 77 0.44 -10.50 1.69
C ALA A 77 -0.94 -9.90 1.88
N ARG A 78 -1.97 -10.74 1.75
CA ARG A 78 -3.35 -10.30 1.94
C ARG A 78 -3.59 -9.89 3.39
N GLN A 79 -3.10 -10.70 4.33
CA GLN A 79 -3.25 -10.39 5.74
C GLN A 79 -2.59 -9.06 6.09
N LEU A 80 -1.42 -8.82 5.53
CA LEU A 80 -0.66 -7.60 5.82
C LEU A 80 -1.43 -6.36 5.37
N ARG A 81 -2.12 -6.46 4.24
CA ARG A 81 -2.98 -5.39 3.77
C ARG A 81 -4.21 -5.22 4.67
N GLN A 82 -4.80 -6.34 5.06
CA GLN A 82 -5.98 -6.32 5.90
C GLN A 82 -5.67 -5.75 7.28
N ARG A 83 -4.44 -5.96 7.74
CA ARG A 83 -4.00 -5.47 9.04
C ARG A 83 -3.64 -4.00 8.99
N ASP A 84 -3.61 -3.45 7.77
CA ASP A 84 -3.21 -2.06 7.57
C ASP A 84 -4.39 -1.11 7.75
N ASN A 85 -4.30 -0.25 8.75
CA ASN A 85 -5.42 0.62 9.11
C ASN A 85 -5.84 1.51 7.95
N VAL A 86 -4.92 1.69 7.00
CA VAL A 86 -5.18 2.53 5.83
C VAL A 86 -6.43 2.08 5.10
N SER A 87 -6.67 0.77 5.10
CA SER A 87 -7.80 0.20 4.37
C SER A 87 -9.12 0.63 4.97
N ARG A 88 -9.07 1.14 6.20
CA ARG A 88 -10.28 1.52 6.92
C ARG A 88 -10.27 3.00 7.27
N VAL A 89 -9.08 3.56 7.45
CA VAL A 89 -8.94 4.90 8.00
C VAL A 89 -8.53 5.90 6.92
N GLU A 90 -9.36 6.91 6.73
CA GLU A 90 -9.11 7.93 5.71
C GLU A 90 -7.85 8.73 6.02
N VAL A 91 -7.08 9.04 4.99
CA VAL A 91 -5.90 9.86 5.14
C VAL A 91 -6.22 11.18 5.85
N THR A 92 -5.36 11.57 6.77
CA THR A 92 -5.57 12.78 7.55
C THR A 92 -5.78 13.99 6.65
N ARG A 93 -6.87 14.71 6.87
CA ARG A 93 -7.19 15.88 6.06
C ARG A 93 -6.50 17.12 6.59
N TYR A 94 -5.18 17.16 6.45
CA TYR A 94 -4.39 18.30 6.91
C TYR A 94 -4.02 19.23 5.76
N LYS A 95 -4.09 18.70 4.55
CA LYS A 95 -3.71 19.47 3.36
C LYS A 95 -4.10 18.73 2.08
N SER A 1 -6.62 12.51 -13.45
CA SER A 1 -8.04 12.89 -13.38
C SER A 1 -8.26 14.04 -12.40
N ALA A 2 -8.89 15.10 -12.88
CA ALA A 2 -9.16 16.26 -12.05
C ALA A 2 -10.01 15.90 -10.85
N GLY A 3 -9.63 16.42 -9.68
CA GLY A 3 -10.39 16.19 -8.45
C GLY A 3 -9.99 14.87 -7.79
N ILE A 4 -9.11 14.13 -8.45
CA ILE A 4 -8.68 12.83 -7.95
C ILE A 4 -7.23 12.87 -7.48
N ALA A 5 -6.98 12.32 -6.30
CA ALA A 5 -5.66 12.37 -5.69
C ALA A 5 -4.69 11.41 -6.39
N THR A 6 -3.40 11.71 -6.31
CA THR A 6 -2.38 10.81 -6.81
C THR A 6 -1.53 10.25 -5.67
N PHE A 7 -1.35 8.94 -5.67
CA PHE A 7 -0.51 8.29 -4.66
C PHE A 7 0.65 7.56 -5.32
N LYS A 8 1.78 7.49 -4.60
CA LYS A 8 2.97 6.82 -5.11
C LYS A 8 3.23 5.52 -4.36
N LEU A 9 3.74 4.51 -5.07
CA LEU A 9 4.20 3.28 -4.43
C LEU A 9 5.69 3.06 -4.70
N VAL A 10 6.44 2.83 -3.63
CA VAL A 10 7.87 2.54 -3.76
C VAL A 10 8.18 1.12 -3.32
N LEU A 11 8.86 0.38 -4.18
CA LEU A 11 9.28 -0.98 -3.87
C LEU A 11 10.78 -1.06 -3.61
N ASN A 12 11.14 -1.47 -2.40
CA ASN A 12 12.54 -1.51 -2.00
C ASN A 12 12.90 -2.85 -1.35
N GLY A 13 12.40 -3.93 -1.95
CA GLY A 13 12.68 -5.27 -1.44
C GLY A 13 13.98 -5.82 -1.99
N LYS A 14 14.27 -7.08 -1.68
CA LYS A 14 15.51 -7.71 -2.14
C LYS A 14 15.47 -7.97 -3.64
N THR A 15 14.30 -8.39 -4.13
CA THR A 15 14.14 -8.69 -5.54
C THR A 15 12.99 -7.89 -6.14
N LEU A 16 12.16 -7.32 -5.26
CA LEU A 16 10.99 -6.55 -5.70
C LEU A 16 11.26 -5.06 -5.62
N LYS A 17 11.59 -4.46 -6.75
CA LYS A 17 12.07 -3.08 -6.79
C LYS A 17 11.38 -2.28 -7.89
N GLY A 18 11.22 -0.98 -7.66
CA GLY A 18 10.69 -0.09 -8.68
C GLY A 18 9.68 0.89 -8.09
N GLU A 19 9.19 1.80 -8.92
CA GLU A 19 8.24 2.81 -8.46
C GLU A 19 7.06 2.93 -9.43
N THR A 20 5.88 3.20 -8.88
CA THR A 20 4.71 3.47 -9.70
C THR A 20 3.73 4.40 -8.99
N THR A 21 2.70 4.83 -9.69
CA THR A 21 1.68 5.70 -9.11
C THR A 21 0.27 5.19 -9.42
N THR A 22 -0.71 5.75 -8.74
CA THR A 22 -2.12 5.47 -9.06
C THR A 22 -2.99 6.69 -8.77
N GLU A 23 -4.10 6.80 -9.49
CA GLU A 23 -5.14 7.75 -9.15
C GLU A 23 -6.12 7.16 -8.15
N ALA A 24 -6.56 7.98 -7.20
CA ALA A 24 -7.46 7.52 -6.15
C ALA A 24 -8.21 8.69 -5.53
N VAL A 25 -9.39 8.41 -4.97
CA VAL A 25 -10.11 9.38 -4.17
C VAL A 25 -9.55 9.46 -2.76
N ASP A 26 -8.92 8.38 -2.31
CA ASP A 26 -8.30 8.35 -1.00
C ASP A 26 -7.19 7.30 -0.95
N ALA A 27 -6.46 7.28 0.17
CA ALA A 27 -5.40 6.29 0.37
C ALA A 27 -5.96 4.88 0.36
N ALA A 28 -7.18 4.72 0.86
CA ALA A 28 -7.82 3.42 0.92
C ALA A 28 -7.98 2.81 -0.46
N THR A 29 -8.44 3.61 -1.42
CA THR A 29 -8.57 3.17 -2.80
C THR A 29 -7.21 2.91 -3.43
N ALA A 30 -6.25 3.79 -3.15
CA ALA A 30 -4.90 3.64 -3.67
C ALA A 30 -4.28 2.32 -3.23
N LEU A 31 -4.47 1.98 -1.96
CA LEU A 31 -3.95 0.73 -1.41
C LEU A 31 -4.63 -0.47 -2.06
N LYS A 32 -5.94 -0.37 -2.25
CA LYS A 32 -6.69 -1.43 -2.91
C LYS A 32 -6.12 -1.74 -4.28
N ASN A 33 -5.83 -0.70 -5.05
CA ASN A 33 -5.20 -0.85 -6.35
C ASN A 33 -3.83 -1.50 -6.22
N PHE A 34 -3.06 -1.07 -5.22
CA PHE A 34 -1.75 -1.65 -4.97
C PHE A 34 -1.87 -3.05 -4.39
N GLY A 35 -3.00 -3.33 -3.76
CA GLY A 35 -3.28 -4.66 -3.24
C GLY A 35 -3.33 -5.69 -4.37
N ALA A 36 -3.90 -5.29 -5.49
CA ALA A 36 -3.88 -6.12 -6.70
C ALA A 36 -2.44 -6.44 -7.11
N TYR A 37 -1.57 -5.46 -7.03
CA TYR A 37 -0.15 -5.66 -7.30
C TYR A 37 0.46 -6.63 -6.30
N ALA A 38 0.06 -6.51 -5.04
CA ALA A 38 0.55 -7.41 -3.99
C ALA A 38 0.28 -8.86 -4.35
N GLN A 39 -0.92 -9.12 -4.85
CA GLN A 39 -1.31 -10.49 -5.22
C GLN A 39 -0.47 -11.01 -6.37
N ASP A 40 -0.16 -10.13 -7.32
CA ASP A 40 0.64 -10.52 -8.48
C ASP A 40 2.04 -10.96 -8.06
N VAL A 41 2.59 -10.29 -7.04
CA VAL A 41 3.94 -10.57 -6.58
C VAL A 41 3.93 -11.51 -5.37
N GLY A 42 2.74 -11.72 -4.81
CA GLY A 42 2.56 -12.71 -3.75
C GLY A 42 3.18 -12.23 -2.45
N VAL A 43 3.15 -10.92 -2.22
CA VAL A 43 3.76 -10.33 -1.03
C VAL A 43 2.71 -9.62 -0.18
N ASP A 44 2.71 -9.91 1.11
CA ASP A 44 1.85 -9.21 2.05
C ASP A 44 2.49 -9.15 3.44
N GLY A 45 2.03 -8.20 4.25
CA GLY A 45 2.59 -8.00 5.59
C GLY A 45 3.85 -7.15 5.53
N ALA A 46 4.26 -6.78 4.32
CA ALA A 46 5.46 -5.98 4.12
C ALA A 46 5.11 -4.59 3.61
N TRP A 47 3.83 -4.24 3.67
CA TRP A 47 3.34 -3.01 3.07
C TRP A 47 3.18 -1.92 4.12
N THR A 48 3.76 -0.75 3.85
CA THR A 48 3.70 0.37 4.77
C THR A 48 3.16 1.62 4.09
N TYR A 49 2.80 2.61 4.89
CA TYR A 49 2.19 3.83 4.37
C TYR A 49 2.43 5.02 5.29
N ASP A 50 2.64 6.19 4.71
CA ASP A 50 2.74 7.43 5.47
C ASP A 50 1.92 8.54 4.83
N ASP A 51 0.83 8.92 5.48
CA ASP A 51 -0.08 9.90 4.92
C ASP A 51 0.61 11.25 4.72
N ALA A 52 1.64 11.51 5.51
CA ALA A 52 2.36 12.77 5.46
C ALA A 52 2.96 13.00 4.07
N THR A 53 3.26 11.90 3.37
CA THR A 53 3.87 11.99 2.06
C THR A 53 2.99 11.35 1.00
N LYS A 54 1.87 10.79 1.43
CA LYS A 54 0.95 10.10 0.52
C LYS A 54 1.66 9.03 -0.27
N THR A 55 2.51 8.26 0.41
CA THR A 55 3.35 7.26 -0.26
C THR A 55 3.21 5.90 0.40
N PHE A 56 3.13 4.85 -0.42
CA PHE A 56 3.24 3.48 0.07
C PHE A 56 4.62 2.90 -0.21
N THR A 57 5.09 2.06 0.71
CA THR A 57 6.41 1.44 0.58
C THR A 57 6.35 -0.03 0.94
N VAL A 58 7.06 -0.84 0.16
CA VAL A 58 7.17 -2.27 0.45
C VAL A 58 8.61 -2.64 0.82
N GLY A 59 8.75 -3.39 1.91
CA GLY A 59 10.07 -3.82 2.37
C GLY A 59 10.39 -5.23 1.89
N GLU A 60 11.11 -5.99 2.72
CA GLU A 60 11.53 -7.33 2.36
C GLU A 60 10.33 -8.20 2.00
N ARG A 61 10.45 -8.95 0.92
CA ARG A 61 9.34 -9.75 0.40
C ARG A 61 8.92 -10.83 1.40
N LEU A 62 7.63 -10.93 1.65
CA LEU A 62 7.07 -12.04 2.41
C LEU A 62 6.19 -12.92 1.54
N ILE A 63 6.75 -14.01 1.05
CA ILE A 63 6.18 -14.72 -0.10
C ILE A 63 5.05 -15.65 0.34
N PHE A 64 3.93 -15.57 -0.37
CA PHE A 64 2.84 -16.51 -0.16
C PHE A 64 2.71 -17.48 -1.32
N LYS A 65 2.31 -18.71 -1.02
CA LYS A 65 2.16 -19.74 -2.05
C LYS A 65 0.79 -19.65 -2.71
N VAL A 66 -0.08 -18.81 -2.16
CA VAL A 66 -1.44 -18.67 -2.66
C VAL A 66 -1.79 -17.21 -2.88
N LYS A 67 -2.80 -16.95 -3.72
CA LYS A 67 -3.38 -15.63 -3.84
C LYS A 67 -4.00 -15.17 -2.52
N MET A 68 -3.63 -13.98 -2.08
CA MET A 68 -4.16 -13.43 -0.84
C MET A 68 -5.65 -13.11 -0.97
N PRO A 69 -6.42 -13.49 0.04
CA PRO A 69 -7.86 -13.22 0.06
C PRO A 69 -8.14 -11.75 -0.23
N GLU A 70 -9.11 -11.50 -1.10
CA GLU A 70 -9.47 -10.14 -1.48
C GLU A 70 -10.01 -9.36 -0.29
N ASP A 71 -10.54 -10.09 0.70
CA ASP A 71 -11.09 -9.46 1.89
C ASP A 71 -10.06 -8.57 2.58
N ARG A 72 -8.79 -8.92 2.45
CA ARG A 72 -7.71 -8.17 3.06
C ARG A 72 -7.64 -6.76 2.49
N MET A 73 -7.91 -6.63 1.20
CA MET A 73 -7.85 -5.35 0.52
C MET A 73 -8.98 -4.43 0.99
N ASN A 74 -10.17 -5.01 1.16
CA ASN A 74 -11.33 -4.25 1.61
C ASN A 74 -11.17 -3.82 3.06
N ASP A 75 -10.61 -4.70 3.88
CA ASP A 75 -10.43 -4.42 5.29
C ASP A 75 -9.39 -3.33 5.52
N LEU A 76 -8.26 -3.44 4.81
CA LEU A 76 -7.22 -2.42 4.87
C LEU A 76 -7.75 -1.07 4.39
N ALA A 77 -8.58 -1.10 3.37
CA ALA A 77 -9.23 0.11 2.87
C ALA A 77 -10.07 0.77 3.95
N ARG A 78 -10.84 -0.04 4.66
CA ARG A 78 -11.71 0.46 5.72
C ARG A 78 -10.90 1.10 6.84
N GLN A 79 -9.75 0.50 7.14
CA GLN A 79 -8.88 0.99 8.22
C GLN A 79 -8.31 2.36 7.88
N LEU A 80 -7.88 2.53 6.64
CA LEU A 80 -7.33 3.81 6.18
C LEU A 80 -8.41 4.88 6.15
N ARG A 81 -9.65 4.46 5.95
CA ARG A 81 -10.79 5.38 5.99
C ARG A 81 -11.18 5.70 7.43
N GLN A 82 -10.43 5.15 8.38
CA GLN A 82 -10.55 5.54 9.78
C GLN A 82 -11.89 5.09 10.35
N ARG A 83 -12.24 3.84 10.12
CA ARG A 83 -13.36 3.22 10.82
C ARG A 83 -12.98 2.86 12.25
N ASP A 84 -13.97 2.42 13.03
CA ASP A 84 -13.74 2.03 14.41
C ASP A 84 -12.88 0.78 14.51
N ASN A 85 -12.10 0.68 15.58
CA ASN A 85 -11.38 -0.55 15.90
C ASN A 85 -10.41 -0.93 14.79
N VAL A 86 -9.41 -0.07 14.59
CA VAL A 86 -8.43 -0.28 13.52
C VAL A 86 -7.01 -0.33 14.07
N SER A 87 -6.08 -0.83 13.27
CA SER A 87 -4.68 -0.86 13.64
C SER A 87 -4.00 0.48 13.35
N ARG A 88 -2.79 0.65 13.87
CA ARG A 88 -2.01 1.85 13.61
C ARG A 88 -1.22 1.72 12.31
N VAL A 89 -1.27 2.76 11.49
CA VAL A 89 -0.53 2.78 10.23
C VAL A 89 0.97 2.79 10.48
N GLU A 90 1.68 1.91 9.79
CA GLU A 90 3.13 1.83 9.93
C GLU A 90 3.84 2.76 8.94
N VAL A 91 4.69 3.63 9.47
CA VAL A 91 5.41 4.58 8.64
C VAL A 91 6.23 3.88 7.57
N THR A 92 6.33 4.51 6.41
CA THR A 92 7.01 3.90 5.26
C THR A 92 8.41 3.47 5.63
N ARG A 93 8.81 2.30 5.13
CA ARG A 93 10.17 1.81 5.33
C ARG A 93 11.19 2.69 4.60
N TYR A 94 12.40 2.77 5.16
CA TYR A 94 13.47 3.56 4.54
C TYR A 94 13.80 3.05 3.16
N LYS A 95 14.01 3.97 2.23
CA LYS A 95 14.43 3.63 0.87
C LYS A 95 15.94 3.54 0.77
N SER A 1 -6.84 12.20 -13.25
CA SER A 1 -8.24 12.59 -13.13
C SER A 1 -8.40 13.74 -12.14
N ALA A 2 -8.98 14.84 -12.62
CA ALA A 2 -9.19 16.01 -11.78
C ALA A 2 -10.03 15.68 -10.56
N GLY A 3 -9.60 16.17 -9.40
CA GLY A 3 -10.35 15.99 -8.16
C GLY A 3 -9.94 14.71 -7.46
N ILE A 4 -9.12 13.90 -8.14
CA ILE A 4 -8.69 12.62 -7.60
C ILE A 4 -7.21 12.66 -7.21
N ALA A 5 -6.91 12.23 -5.99
CA ALA A 5 -5.56 12.25 -5.47
C ALA A 5 -4.68 11.25 -6.21
N THR A 6 -3.39 11.56 -6.32
CA THR A 6 -2.42 10.62 -6.87
C THR A 6 -1.50 10.08 -5.78
N PHE A 7 -1.31 8.77 -5.77
CA PHE A 7 -0.45 8.13 -4.78
C PHE A 7 0.68 7.35 -5.45
N LYS A 8 1.79 7.21 -4.74
CA LYS A 8 2.92 6.44 -5.24
C LYS A 8 3.11 5.15 -4.44
N LEU A 9 3.59 4.11 -5.11
CA LEU A 9 3.98 2.87 -4.45
C LEU A 9 5.42 2.51 -4.75
N VAL A 10 6.18 2.18 -3.71
CA VAL A 10 7.53 1.63 -3.89
C VAL A 10 7.62 0.21 -3.38
N LEU A 11 8.19 -0.68 -4.20
CA LEU A 11 8.36 -2.08 -3.81
C LEU A 11 9.80 -2.36 -3.42
N ASN A 12 9.98 -3.06 -2.31
CA ASN A 12 11.31 -3.36 -1.79
C ASN A 12 11.44 -4.81 -1.37
N GLY A 13 11.41 -5.71 -2.34
CA GLY A 13 11.68 -7.12 -2.09
C GLY A 13 13.17 -7.42 -2.23
N LYS A 14 13.49 -8.71 -2.34
CA LYS A 14 14.88 -9.13 -2.50
C LYS A 14 15.26 -9.23 -3.98
N THR A 15 14.28 -9.59 -4.80
CA THR A 15 14.49 -9.67 -6.25
C THR A 15 13.49 -8.81 -7.00
N LEU A 16 12.46 -8.36 -6.29
CA LEU A 16 11.38 -7.60 -6.92
C LEU A 16 11.34 -6.17 -6.40
N LYS A 17 11.82 -5.24 -7.22
CA LYS A 17 11.92 -3.85 -6.83
C LYS A 17 11.42 -2.92 -7.93
N GLY A 18 10.92 -1.75 -7.52
CA GLY A 18 10.48 -0.74 -8.48
C GLY A 18 9.45 0.19 -7.86
N GLU A 19 8.80 0.99 -8.69
CA GLU A 19 7.82 1.96 -8.22
C GLU A 19 6.72 2.19 -9.26
N THR A 20 5.53 2.57 -8.78
CA THR A 20 4.45 2.95 -9.67
C THR A 20 3.53 3.97 -8.99
N THR A 21 2.46 4.33 -9.68
CA THR A 21 1.49 5.29 -9.16
C THR A 21 0.06 4.81 -9.39
N THR A 22 -0.89 5.44 -8.72
CA THR A 22 -2.30 5.20 -8.97
C THR A 22 -3.14 6.44 -8.68
N GLU A 23 -4.30 6.53 -9.33
CA GLU A 23 -5.32 7.49 -8.92
C GLU A 23 -6.29 6.87 -7.92
N ALA A 24 -6.64 7.63 -6.89
CA ALA A 24 -7.57 7.15 -5.87
C ALA A 24 -8.21 8.31 -5.13
N VAL A 25 -9.41 8.07 -4.61
CA VAL A 25 -10.13 9.09 -3.84
C VAL A 25 -9.48 9.31 -2.48
N ASP A 26 -8.76 8.30 -2.00
CA ASP A 26 -8.06 8.39 -0.72
C ASP A 26 -7.02 7.29 -0.59
N ALA A 27 -6.15 7.42 0.41
CA ALA A 27 -5.12 6.42 0.68
C ALA A 27 -5.74 5.05 0.93
N ALA A 28 -6.89 5.03 1.60
CA ALA A 28 -7.58 3.78 1.90
C ALA A 28 -7.94 3.04 0.62
N THR A 29 -8.26 3.78 -0.43
CA THR A 29 -8.59 3.18 -1.72
C THR A 29 -7.34 2.77 -2.47
N ALA A 30 -6.29 3.59 -2.36
CA ALA A 30 -5.03 3.30 -3.02
C ALA A 30 -4.49 1.93 -2.61
N LEU A 31 -4.78 1.53 -1.38
CA LEU A 31 -4.36 0.22 -0.88
C LEU A 31 -4.85 -0.89 -1.79
N LYS A 32 -6.06 -0.74 -2.31
CA LYS A 32 -6.69 -1.78 -3.12
C LYS A 32 -6.01 -1.90 -4.48
N ASN A 33 -5.77 -0.77 -5.12
CA ASN A 33 -5.08 -0.74 -6.41
C ASN A 33 -3.65 -1.23 -6.28
N PHE A 34 -2.95 -0.74 -5.27
CA PHE A 34 -1.55 -1.10 -5.05
C PHE A 34 -1.42 -2.55 -4.59
N GLY A 35 -2.41 -3.03 -3.86
CA GLY A 35 -2.48 -4.43 -3.47
C GLY A 35 -2.40 -5.34 -4.68
N ALA A 36 -3.31 -5.12 -5.63
CA ALA A 36 -3.36 -5.92 -6.86
C ALA A 36 -2.04 -5.83 -7.61
N TYR A 37 -1.50 -4.63 -7.72
CA TYR A 37 -0.25 -4.40 -8.43
C TYR A 37 0.87 -5.25 -7.84
N ALA A 38 1.07 -5.14 -6.53
CA ALA A 38 2.13 -5.87 -5.85
C ALA A 38 2.00 -7.37 -6.06
N GLN A 39 0.77 -7.86 -6.03
CA GLN A 39 0.51 -9.28 -6.20
C GLN A 39 0.90 -9.74 -7.60
N ASP A 40 0.59 -8.91 -8.60
CA ASP A 40 0.95 -9.21 -9.98
C ASP A 40 2.46 -9.24 -10.16
N VAL A 41 3.15 -8.34 -9.46
CA VAL A 41 4.61 -8.33 -9.46
C VAL A 41 5.18 -9.56 -8.74
N GLY A 42 4.55 -9.91 -7.63
CA GLY A 42 4.96 -11.07 -6.85
C GLY A 42 5.49 -10.67 -5.48
N VAL A 43 5.06 -9.50 -5.01
CA VAL A 43 5.49 -8.99 -3.72
C VAL A 43 4.37 -9.08 -2.69
N ASP A 44 4.65 -9.70 -1.56
CA ASP A 44 3.69 -9.78 -0.46
C ASP A 44 4.39 -9.64 0.89
N GLY A 45 4.65 -8.40 1.29
CA GLY A 45 5.43 -8.13 2.49
C GLY A 45 4.69 -7.19 3.43
N ALA A 46 5.44 -6.38 4.17
CA ALA A 46 4.86 -5.44 5.12
C ALA A 46 4.39 -4.17 4.41
N TRP A 47 3.33 -3.57 4.96
CA TRP A 47 2.80 -2.34 4.40
C TRP A 47 3.06 -1.15 5.30
N THR A 48 3.53 -0.05 4.73
CA THR A 48 3.53 1.23 5.40
C THR A 48 3.01 2.34 4.49
N TYR A 49 2.71 3.49 5.08
CA TYR A 49 2.20 4.64 4.33
C TYR A 49 2.72 5.95 4.89
N ASP A 50 3.18 6.83 4.01
CA ASP A 50 3.64 8.16 4.43
C ASP A 50 2.76 9.24 3.80
N ASP A 51 1.82 9.75 4.60
CA ASP A 51 0.87 10.73 4.11
C ASP A 51 1.57 12.02 3.67
N ALA A 52 2.71 12.31 4.31
CA ALA A 52 3.48 13.50 3.98
C ALA A 52 3.93 13.49 2.52
N THR A 53 4.16 12.29 1.99
CA THR A 53 4.61 12.15 0.62
C THR A 53 3.64 11.30 -0.19
N LYS A 54 2.49 10.98 0.41
CA LYS A 54 1.45 10.23 -0.28
C LYS A 54 2.03 8.98 -0.95
N THR A 55 2.90 8.28 -0.24
CA THR A 55 3.63 7.15 -0.80
C THR A 55 3.47 5.90 0.06
N PHE A 56 3.24 4.76 -0.60
CA PHE A 56 3.22 3.48 0.09
C PHE A 56 4.53 2.73 -0.12
N THR A 57 4.91 1.92 0.87
CA THR A 57 6.04 1.01 0.73
C THR A 57 5.64 -0.42 1.07
N VAL A 58 5.96 -1.35 0.19
CA VAL A 58 5.67 -2.76 0.41
C VAL A 58 6.89 -3.63 0.14
N GLY A 59 7.26 -4.44 1.13
CA GLY A 59 8.41 -5.32 1.00
C GLY A 59 8.90 -5.79 2.36
N GLU A 60 10.22 -5.91 2.49
CA GLU A 60 10.82 -6.44 3.72
C GLU A 60 10.31 -5.68 4.94
N ARG A 61 9.96 -6.43 5.98
CA ARG A 61 9.41 -5.83 7.19
C ARG A 61 10.48 -5.12 8.00
N LEU A 62 10.39 -3.79 8.06
CA LEU A 62 11.30 -2.99 8.86
C LEU A 62 10.62 -2.53 10.15
N ILE A 63 9.29 -2.51 10.15
CA ILE A 63 8.52 -2.06 11.30
C ILE A 63 7.57 -3.14 11.79
N PHE A 64 7.59 -3.39 13.10
CA PHE A 64 6.67 -4.36 13.70
C PHE A 64 5.38 -3.69 14.17
N LYS A 65 4.26 -4.22 13.71
CA LYS A 65 2.96 -3.60 13.96
C LYS A 65 2.44 -3.96 15.35
N VAL A 66 3.27 -4.65 16.13
CA VAL A 66 2.97 -4.90 17.53
C VAL A 66 3.88 -4.09 18.45
N LYS A 67 4.73 -3.26 17.84
CA LYS A 67 5.63 -2.40 18.60
C LYS A 67 5.38 -0.93 18.29
N MET A 68 5.28 -0.61 17.01
CA MET A 68 5.17 0.78 16.57
C MET A 68 3.76 1.32 16.80
N PRO A 69 3.65 2.31 17.69
CA PRO A 69 2.36 2.85 18.08
C PRO A 69 1.82 3.80 17.01
N GLU A 70 2.68 4.17 16.07
CA GLU A 70 2.32 5.13 15.03
C GLU A 70 1.77 4.42 13.80
N ASP A 71 1.86 3.09 13.80
CA ASP A 71 1.51 2.30 12.63
C ASP A 71 0.03 1.89 12.66
N ARG A 72 -0.80 2.61 11.92
CA ARG A 72 -2.23 2.39 11.95
C ARG A 72 -2.75 1.93 10.59
N MET A 73 -1.93 1.19 9.87
CA MET A 73 -2.29 0.70 8.54
C MET A 73 -3.55 -0.16 8.60
N ASN A 74 -3.76 -0.83 9.73
CA ASN A 74 -4.96 -1.63 9.92
C ASN A 74 -6.22 -0.77 9.86
N ASP A 75 -6.12 0.45 10.38
CA ASP A 75 -7.27 1.36 10.42
C ASP A 75 -7.52 1.96 9.04
N LEU A 76 -6.45 2.26 8.32
CA LEU A 76 -6.55 2.79 6.97
C LEU A 76 -7.28 1.83 6.05
N ALA A 77 -6.94 0.55 6.16
CA ALA A 77 -7.63 -0.49 5.39
C ALA A 77 -9.09 -0.59 5.77
N ARG A 78 -9.37 -0.52 7.07
CA ARG A 78 -10.73 -0.61 7.57
C ARG A 78 -11.59 0.55 7.05
N GLN A 79 -10.97 1.72 6.93
CA GLN A 79 -11.66 2.89 6.42
C GLN A 79 -12.44 2.57 5.16
N LEU A 80 -11.84 1.77 4.28
CA LEU A 80 -12.48 1.37 3.04
C LEU A 80 -13.46 0.23 3.27
N ARG A 81 -13.06 -0.74 4.07
CA ARG A 81 -13.82 -1.97 4.24
C ARG A 81 -15.20 -1.67 4.85
N GLN A 82 -15.28 -0.61 5.64
CA GLN A 82 -16.50 -0.28 6.35
C GLN A 82 -17.50 0.42 5.45
N ARG A 83 -17.10 0.68 4.21
CA ARG A 83 -17.96 1.34 3.25
C ARG A 83 -18.76 0.33 2.44
N ASP A 84 -20.07 0.37 2.57
CA ASP A 84 -20.96 -0.58 1.89
C ASP A 84 -20.81 -0.48 0.38
N ASN A 85 -20.82 -1.63 -0.28
CA ASN A 85 -20.78 -1.68 -1.73
C ASN A 85 -19.49 -1.07 -2.27
N VAL A 86 -18.44 -1.10 -1.44
CA VAL A 86 -17.12 -0.70 -1.89
C VAL A 86 -16.12 -1.85 -1.76
N SER A 87 -15.31 -2.03 -2.80
CA SER A 87 -14.33 -3.11 -2.81
C SER A 87 -13.45 -3.07 -1.57
N ARG A 88 -13.23 -4.24 -0.97
CA ARG A 88 -12.49 -4.33 0.29
C ARG A 88 -11.04 -4.72 0.03
N VAL A 89 -10.15 -4.19 0.88
CA VAL A 89 -8.74 -4.61 0.87
C VAL A 89 -8.55 -5.95 1.56
N GLU A 90 -7.85 -6.86 0.90
CA GLU A 90 -7.61 -8.19 1.44
C GLU A 90 -6.78 -8.12 2.72
N VAL A 91 -7.05 -9.03 3.64
CA VAL A 91 -6.35 -9.06 4.92
C VAL A 91 -4.93 -9.57 4.75
N THR A 92 -3.97 -8.84 5.30
CA THR A 92 -2.56 -9.22 5.22
C THR A 92 -2.32 -10.56 5.91
N ARG A 93 -1.62 -11.44 5.22
CA ARG A 93 -1.31 -12.77 5.77
C ARG A 93 -0.25 -12.69 6.84
N TYR A 94 -0.21 -13.69 7.71
CA TYR A 94 0.78 -13.74 8.78
C TYR A 94 2.19 -13.64 8.25
N LYS A 95 3.01 -12.79 8.86
CA LYS A 95 4.39 -12.60 8.44
C LYS A 95 5.37 -13.12 9.49
N SER A 1 -13.43 15.72 -10.44
CA SER A 1 -13.91 14.98 -9.27
C SER A 1 -13.12 15.34 -8.03
N ALA A 2 -13.73 16.12 -7.14
CA ALA A 2 -13.07 16.56 -5.92
C ALA A 2 -12.67 15.38 -5.05
N GLY A 3 -11.55 15.53 -4.34
CA GLY A 3 -11.06 14.47 -3.46
C GLY A 3 -10.05 13.59 -4.18
N ILE A 4 -10.00 13.70 -5.50
CA ILE A 4 -9.08 12.91 -6.31
C ILE A 4 -7.63 13.23 -5.95
N ALA A 5 -6.81 12.19 -5.83
CA ALA A 5 -5.39 12.36 -5.56
C ALA A 5 -4.56 11.29 -6.27
N THR A 6 -3.32 11.62 -6.58
CA THR A 6 -2.35 10.64 -7.06
C THR A 6 -1.55 10.06 -5.90
N PHE A 7 -1.37 8.74 -5.90
CA PHE A 7 -0.55 8.09 -4.91
C PHE A 7 0.62 7.34 -5.56
N LYS A 8 1.73 7.27 -4.86
CA LYS A 8 2.90 6.55 -5.34
C LYS A 8 3.24 5.36 -4.45
N LEU A 9 3.63 4.26 -5.07
CA LEU A 9 4.15 3.11 -4.33
C LEU A 9 5.65 2.91 -4.59
N VAL A 10 6.40 2.71 -3.52
CA VAL A 10 7.79 2.28 -3.64
C VAL A 10 7.96 0.83 -3.20
N LEU A 11 8.51 0.01 -4.09
CA LEU A 11 8.65 -1.42 -3.82
C LEU A 11 10.09 -1.79 -3.48
N ASN A 12 10.27 -2.42 -2.34
CA ASN A 12 11.60 -2.90 -1.92
C ASN A 12 11.54 -4.36 -1.52
N GLY A 13 11.25 -5.23 -2.49
CA GLY A 13 11.12 -6.65 -2.23
C GLY A 13 12.48 -7.35 -2.27
N LYS A 14 12.47 -8.67 -2.13
CA LYS A 14 13.70 -9.45 -2.15
C LYS A 14 14.26 -9.56 -3.56
N THR A 15 13.38 -9.77 -4.53
CA THR A 15 13.79 -9.91 -5.92
C THR A 15 13.06 -8.90 -6.81
N LEU A 16 12.00 -8.31 -6.28
CA LEU A 16 11.17 -7.40 -7.05
C LEU A 16 11.28 -5.97 -6.54
N LYS A 17 11.71 -5.06 -7.39
CA LYS A 17 11.90 -3.67 -7.01
C LYS A 17 11.39 -2.72 -8.08
N GLY A 18 10.99 -1.53 -7.67
CA GLY A 18 10.61 -0.48 -8.62
C GLY A 18 9.54 0.43 -8.02
N GLU A 19 8.95 1.27 -8.87
CA GLU A 19 7.96 2.25 -8.42
C GLU A 19 6.77 2.29 -9.36
N THR A 20 5.60 2.59 -8.80
CA THR A 20 4.38 2.72 -9.60
C THR A 20 3.39 3.67 -8.95
N THR A 21 2.47 4.20 -9.74
CA THR A 21 1.52 5.19 -9.26
C THR A 21 0.08 4.76 -9.54
N THR A 22 -0.85 5.35 -8.81
CA THR A 22 -2.27 5.13 -9.06
C THR A 22 -3.10 6.37 -8.72
N GLU A 23 -4.27 6.48 -9.33
CA GLU A 23 -5.26 7.47 -8.92
C GLU A 23 -6.28 6.88 -7.97
N ALA A 24 -6.69 7.67 -6.99
CA ALA A 24 -7.69 7.23 -6.02
C ALA A 24 -8.34 8.42 -5.31
N VAL A 25 -9.44 8.18 -4.63
CA VAL A 25 -10.09 9.19 -3.80
C VAL A 25 -9.96 8.85 -2.32
N ASP A 26 -9.11 7.89 -2.01
CA ASP A 26 -8.76 7.59 -0.63
C ASP A 26 -7.51 6.73 -0.54
N ALA A 27 -6.86 6.74 0.62
CA ALA A 27 -5.69 5.91 0.86
C ALA A 27 -6.04 4.43 0.77
N ALA A 28 -7.19 4.07 1.31
CA ALA A 28 -7.65 2.68 1.29
C ALA A 28 -7.80 2.18 -0.14
N THR A 29 -8.35 3.02 -1.01
CA THR A 29 -8.51 2.66 -2.41
C THR A 29 -7.17 2.52 -3.10
N ALA A 30 -6.28 3.46 -2.85
CA ALA A 30 -4.92 3.42 -3.40
C ALA A 30 -4.20 2.15 -2.97
N LEU A 31 -4.39 1.78 -1.71
CA LEU A 31 -3.76 0.56 -1.18
C LEU A 31 -4.29 -0.68 -1.87
N LYS A 32 -5.60 -0.72 -2.08
CA LYS A 32 -6.23 -1.84 -2.77
C LYS A 32 -5.71 -1.98 -4.19
N ASN A 33 -5.55 -0.85 -4.87
CA ASN A 33 -4.98 -0.84 -6.22
C ASN A 33 -3.54 -1.33 -6.21
N PHE A 34 -2.78 -0.88 -5.23
CA PHE A 34 -1.38 -1.31 -5.09
C PHE A 34 -1.31 -2.77 -4.65
N GLY A 35 -2.31 -3.22 -3.91
CA GLY A 35 -2.44 -4.63 -3.57
C GLY A 35 -2.54 -5.49 -4.82
N ALA A 36 -3.45 -5.11 -5.72
CA ALA A 36 -3.61 -5.83 -6.98
C ALA A 36 -2.31 -5.85 -7.77
N TYR A 37 -1.61 -4.71 -7.79
CA TYR A 37 -0.29 -4.64 -8.41
C TYR A 37 0.65 -5.68 -7.81
N ALA A 38 0.74 -5.70 -6.48
CA ALA A 38 1.62 -6.64 -5.79
C ALA A 38 1.29 -8.08 -6.16
N GLN A 39 -0.01 -8.37 -6.27
CA GLN A 39 -0.46 -9.73 -6.58
C GLN A 39 0.02 -10.16 -7.95
N ASP A 40 -0.02 -9.23 -8.91
CA ASP A 40 0.33 -9.54 -10.30
C ASP A 40 1.82 -9.81 -10.44
N VAL A 41 2.62 -9.00 -9.75
CA VAL A 41 4.08 -9.10 -9.85
C VAL A 41 4.63 -10.19 -8.94
N GLY A 42 3.91 -10.45 -7.84
CA GLY A 42 4.30 -11.50 -6.91
C GLY A 42 5.04 -10.93 -5.71
N VAL A 43 4.54 -9.81 -5.19
CA VAL A 43 5.08 -9.23 -3.96
C VAL A 43 4.17 -9.53 -2.77
N ASP A 44 4.77 -9.89 -1.64
CA ASP A 44 4.02 -10.11 -0.42
C ASP A 44 4.86 -9.79 0.81
N GLY A 45 4.71 -8.57 1.32
CA GLY A 45 5.59 -8.07 2.37
C GLY A 45 4.85 -7.10 3.29
N ALA A 46 5.60 -6.27 3.99
CA ALA A 46 5.02 -5.36 4.98
C ALA A 46 4.65 -4.03 4.35
N TRP A 47 3.38 -3.65 4.45
CA TRP A 47 2.87 -2.46 3.81
C TRP A 47 2.96 -1.25 4.75
N THR A 48 3.33 -0.10 4.18
CA THR A 48 3.37 1.14 4.95
C THR A 48 2.66 2.26 4.22
N TYR A 49 2.34 3.33 4.94
CA TYR A 49 1.76 4.53 4.33
C TYR A 49 2.09 5.78 5.14
N ASP A 50 2.42 6.85 4.44
CA ASP A 50 2.56 8.15 5.07
C ASP A 50 1.84 9.24 4.28
N ASP A 51 0.74 9.72 4.83
CA ASP A 51 -0.14 10.65 4.12
C ASP A 51 0.60 11.93 3.75
N ALA A 52 1.62 12.27 4.53
CA ALA A 52 2.33 13.52 4.35
C ALA A 52 2.91 13.63 2.94
N THR A 53 3.20 12.48 2.34
CA THR A 53 3.77 12.44 1.00
C THR A 53 2.87 11.68 0.03
N LYS A 54 1.67 11.34 0.49
CA LYS A 54 0.75 10.54 -0.30
C LYS A 54 1.45 9.35 -0.94
N THR A 55 2.30 8.68 -0.16
CA THR A 55 3.17 7.63 -0.68
C THR A 55 3.01 6.34 0.11
N PHE A 56 2.90 5.23 -0.60
CA PHE A 56 2.98 3.91 0.02
C PHE A 56 4.36 3.28 -0.18
N THR A 57 4.74 2.41 0.74
CA THR A 57 5.94 1.60 0.56
C THR A 57 5.72 0.18 1.08
N VAL A 58 6.19 -0.80 0.32
CA VAL A 58 6.14 -2.20 0.76
C VAL A 58 7.49 -2.88 0.57
N GLY A 59 7.88 -3.66 1.58
CA GLY A 59 9.18 -4.33 1.56
C GLY A 59 9.05 -5.78 2.00
N GLU A 60 9.94 -6.63 1.50
CA GLU A 60 9.95 -8.04 1.87
C GLU A 60 11.19 -8.38 2.71
N ARG A 61 12.06 -7.39 2.88
CA ARG A 61 13.36 -7.62 3.52
C ARG A 61 13.23 -7.60 5.04
N LEU A 62 14.10 -8.33 5.72
CA LEU A 62 14.07 -8.42 7.16
C LEU A 62 14.66 -7.18 7.81
N ILE A 63 15.12 -6.25 6.99
CA ILE A 63 15.66 -4.98 7.47
C ILE A 63 14.75 -3.81 7.10
N PHE A 64 13.56 -4.14 6.61
CA PHE A 64 12.59 -3.13 6.19
C PHE A 64 11.91 -2.49 7.40
N LYS A 65 11.94 -1.16 7.46
CA LYS A 65 11.27 -0.43 8.53
C LYS A 65 9.80 -0.19 8.21
N VAL A 66 8.93 -0.65 9.09
CA VAL A 66 7.48 -0.61 8.85
C VAL A 66 6.84 0.57 9.56
N LYS A 67 6.34 1.52 8.80
CA LYS A 67 5.62 2.66 9.36
C LYS A 67 4.13 2.56 9.07
N MET A 68 3.37 2.11 10.06
CA MET A 68 1.93 1.93 9.90
C MET A 68 1.18 3.25 10.03
N PRO A 69 0.17 3.44 9.18
CA PRO A 69 -0.65 4.64 9.22
C PRO A 69 -1.55 4.65 10.46
N GLU A 70 -1.89 5.85 10.92
CA GLU A 70 -2.88 6.02 11.97
C GLU A 70 -4.27 6.19 11.39
N ASP A 71 -5.26 5.53 12.00
CA ASP A 71 -6.65 5.64 11.56
C ASP A 71 -7.11 7.09 11.54
N ARG A 72 -6.71 7.84 12.56
CA ARG A 72 -7.02 9.26 12.64
C ARG A 72 -6.50 10.00 11.41
N MET A 73 -5.27 9.72 11.03
CA MET A 73 -4.64 10.37 9.89
C MET A 73 -5.46 10.16 8.62
N ASN A 74 -5.83 8.90 8.36
CA ASN A 74 -6.60 8.56 7.18
C ASN A 74 -7.97 9.21 7.21
N ASP A 75 -8.57 9.29 8.39
CA ASP A 75 -9.89 9.86 8.55
C ASP A 75 -9.88 11.37 8.30
N LEU A 76 -8.84 12.03 8.78
CA LEU A 76 -8.68 13.46 8.58
C LEU A 76 -8.57 13.80 7.11
N ALA A 77 -7.86 12.95 6.36
CA ALA A 77 -7.76 13.10 4.91
C ALA A 77 -9.14 13.05 4.26
N ARG A 78 -9.98 12.12 4.71
CA ARG A 78 -11.34 11.99 4.21
C ARG A 78 -12.17 13.22 4.57
N GLN A 79 -11.96 13.73 5.78
CA GLN A 79 -12.69 14.91 6.24
C GLN A 79 -12.45 16.10 5.34
N LEU A 80 -11.23 16.21 4.83
CA LEU A 80 -10.89 17.24 3.86
C LEU A 80 -11.65 17.05 2.55
N ARG A 81 -11.78 15.80 2.14
CA ARG A 81 -12.47 15.47 0.90
C ARG A 81 -13.97 15.74 1.01
N GLN A 82 -14.49 15.65 2.22
CA GLN A 82 -15.88 15.97 2.48
C GLN A 82 -16.18 17.43 2.20
N ARG A 83 -15.12 18.24 2.13
CA ARG A 83 -15.25 19.65 1.82
C ARG A 83 -14.93 19.93 0.35
N ASP A 84 -14.89 18.87 -0.45
CA ASP A 84 -14.63 19.00 -1.88
C ASP A 84 -13.27 19.66 -2.13
N ASN A 85 -12.28 19.27 -1.34
CA ASN A 85 -10.91 19.70 -1.58
C ASN A 85 -10.21 18.80 -2.59
N VAL A 86 -9.13 19.30 -3.18
CA VAL A 86 -8.32 18.50 -4.08
C VAL A 86 -6.85 18.51 -3.66
N SER A 87 -6.24 17.34 -3.64
CA SER A 87 -4.84 17.22 -3.24
C SER A 87 -3.93 17.98 -4.19
N ARG A 88 -2.85 18.54 -3.64
CA ARG A 88 -1.88 19.27 -4.44
C ARG A 88 -0.76 18.35 -4.92
N VAL A 89 -0.89 17.07 -4.63
CA VAL A 89 0.10 16.08 -5.05
C VAL A 89 0.26 16.07 -6.57
N GLU A 90 1.49 15.93 -7.02
CA GLU A 90 1.77 15.87 -8.45
C GLU A 90 0.94 14.80 -9.13
N VAL A 91 0.29 15.17 -10.24
CA VAL A 91 -0.57 14.26 -10.97
C VAL A 91 0.23 13.16 -11.65
N THR A 92 -0.24 11.92 -11.52
CA THR A 92 0.42 10.78 -12.15
C THR A 92 0.79 11.09 -13.59
N ARG A 93 1.99 10.66 -14.00
CA ARG A 93 2.46 10.91 -15.35
C ARG A 93 2.06 9.77 -16.29
N TYR A 94 2.15 10.04 -17.59
CA TYR A 94 1.84 9.03 -18.60
C TYR A 94 2.71 7.80 -18.43
N LYS A 95 2.10 6.63 -18.52
CA LYS A 95 2.82 5.37 -18.41
C LYS A 95 3.11 4.78 -19.79
N SER A 1 -5.88 12.24 -14.05
CA SER A 1 -7.27 12.69 -14.03
C SER A 1 -7.45 13.87 -13.08
N ALA A 2 -7.94 14.98 -13.61
CA ALA A 2 -8.15 16.18 -12.81
C ALA A 2 -9.10 15.90 -11.65
N GLY A 3 -8.75 16.39 -10.46
CA GLY A 3 -9.60 16.26 -9.29
C GLY A 3 -9.33 14.96 -8.55
N ILE A 4 -8.50 14.11 -9.16
CA ILE A 4 -8.18 12.81 -8.58
C ILE A 4 -6.76 12.78 -8.04
N ALA A 5 -6.61 12.34 -6.79
CA ALA A 5 -5.31 12.30 -6.14
C ALA A 5 -4.39 11.28 -6.81
N THR A 6 -3.09 11.56 -6.78
CA THR A 6 -2.10 10.62 -7.27
C THR A 6 -1.26 10.06 -6.11
N PHE A 7 -1.10 8.74 -6.10
CA PHE A 7 -0.33 8.08 -5.05
C PHE A 7 0.85 7.30 -5.63
N LYS A 8 1.91 7.15 -4.85
CA LYS A 8 3.08 6.40 -5.30
C LYS A 8 3.24 5.11 -4.49
N LEU A 9 3.73 4.07 -5.17
CA LEU A 9 4.07 2.82 -4.48
C LEU A 9 5.53 2.45 -4.72
N VAL A 10 6.22 2.09 -3.64
CA VAL A 10 7.58 1.58 -3.73
C VAL A 10 7.63 0.09 -3.43
N LEU A 11 8.35 -0.65 -4.27
CA LEU A 11 8.51 -2.09 -4.08
C LEU A 11 9.90 -2.43 -3.57
N ASN A 12 9.96 -3.29 -2.57
CA ASN A 12 11.24 -3.86 -2.11
C ASN A 12 11.09 -5.34 -1.79
N GLY A 13 10.71 -6.12 -2.79
CA GLY A 13 10.31 -7.51 -2.57
C GLY A 13 11.49 -8.46 -2.66
N LYS A 14 11.21 -9.75 -2.68
CA LYS A 14 12.25 -10.77 -2.69
C LYS A 14 13.17 -10.61 -3.89
N THR A 15 12.59 -10.41 -5.07
CA THR A 15 13.34 -10.36 -6.31
C THR A 15 13.10 -9.06 -7.05
N LEU A 16 12.01 -8.39 -6.74
CA LEU A 16 11.56 -7.23 -7.51
C LEU A 16 11.64 -5.96 -6.67
N LYS A 17 12.27 -4.92 -7.22
CA LYS A 17 12.27 -3.61 -6.61
C LYS A 17 12.02 -2.52 -7.65
N GLY A 18 11.46 -1.39 -7.21
CA GLY A 18 11.15 -0.28 -8.11
C GLY A 18 10.03 0.57 -7.56
N GLU A 19 9.35 1.29 -8.44
CA GLU A 19 8.29 2.20 -8.04
C GLU A 19 7.23 2.34 -9.14
N THR A 20 6.00 2.64 -8.72
CA THR A 20 4.95 3.00 -9.67
C THR A 20 3.97 3.99 -9.06
N THR A 21 2.94 4.34 -9.82
CA THR A 21 1.94 5.31 -9.36
C THR A 21 0.53 4.83 -9.69
N THR A 22 -0.46 5.46 -9.07
CA THR A 22 -1.85 5.23 -9.42
C THR A 22 -2.70 6.47 -9.18
N GLU A 23 -3.82 6.56 -9.89
CA GLU A 23 -4.85 7.54 -9.56
C GLU A 23 -5.90 6.94 -8.64
N ALA A 24 -6.34 7.72 -7.66
CA ALA A 24 -7.34 7.28 -6.70
C ALA A 24 -8.10 8.44 -6.09
N VAL A 25 -9.33 8.20 -5.65
CA VAL A 25 -10.14 9.23 -5.01
C VAL A 25 -9.69 9.46 -3.58
N ASP A 26 -9.09 8.44 -2.97
CA ASP A 26 -8.61 8.53 -1.60
C ASP A 26 -7.54 7.50 -1.31
N ALA A 27 -6.99 7.53 -0.11
CA ALA A 27 -5.85 6.69 0.25
C ALA A 27 -6.22 5.22 0.25
N ALA A 28 -7.39 4.91 0.82
CA ALA A 28 -7.83 3.52 0.95
C ALA A 28 -8.02 2.88 -0.42
N THR A 29 -8.51 3.67 -1.38
CA THR A 29 -8.65 3.21 -2.75
C THR A 29 -7.29 2.89 -3.36
N ALA A 30 -6.34 3.81 -3.18
CA ALA A 30 -4.97 3.60 -3.66
C ALA A 30 -4.34 2.38 -2.99
N LEU A 31 -4.63 2.20 -1.71
CA LEU A 31 -4.03 1.12 -0.94
C LEU A 31 -4.42 -0.25 -1.51
N LYS A 32 -5.73 -0.46 -1.68
CA LYS A 32 -6.24 -1.75 -2.11
C LYS A 32 -5.92 -2.02 -3.57
N ASN A 33 -5.78 -0.96 -4.35
CA ASN A 33 -5.34 -1.08 -5.74
C ASN A 33 -3.86 -1.42 -5.81
N PHE A 34 -3.05 -0.73 -5.02
CA PHE A 34 -1.63 -1.06 -4.90
C PHE A 34 -1.44 -2.45 -4.33
N GLY A 35 -2.30 -2.83 -3.37
CA GLY A 35 -2.27 -4.17 -2.81
C GLY A 35 -2.34 -5.24 -3.89
N ALA A 36 -3.38 -5.17 -4.71
CA ALA A 36 -3.56 -6.12 -5.80
C ALA A 36 -2.37 -6.11 -6.74
N TYR A 37 -1.92 -4.91 -7.11
CA TYR A 37 -0.77 -4.77 -7.98
C TYR A 37 0.47 -5.43 -7.40
N ALA A 38 0.78 -5.10 -6.16
CA ALA A 38 2.00 -5.58 -5.52
C ALA A 38 2.04 -7.11 -5.49
N GLN A 39 0.89 -7.71 -5.17
CA GLN A 39 0.78 -9.17 -5.13
C GLN A 39 1.04 -9.77 -6.51
N ASP A 40 0.44 -9.18 -7.53
CA ASP A 40 0.56 -9.71 -8.89
C ASP A 40 2.01 -9.72 -9.36
N VAL A 41 2.78 -8.75 -8.89
CA VAL A 41 4.17 -8.61 -9.31
C VAL A 41 5.12 -9.26 -8.31
N GLY A 42 4.56 -10.08 -7.43
CA GLY A 42 5.37 -10.97 -6.59
C GLY A 42 5.95 -10.23 -5.40
N VAL A 43 5.27 -9.18 -4.96
CA VAL A 43 5.68 -8.44 -3.77
C VAL A 43 4.55 -8.36 -2.75
N ASP A 44 4.67 -9.16 -1.69
CA ASP A 44 3.56 -9.35 -0.77
C ASP A 44 4.05 -9.43 0.67
N GLY A 45 4.87 -8.46 1.07
CA GLY A 45 5.45 -8.44 2.40
C GLY A 45 4.85 -7.34 3.26
N ALA A 46 5.64 -6.79 4.17
CA ALA A 46 5.16 -5.78 5.09
C ALA A 46 4.74 -4.50 4.36
N TRP A 47 3.72 -3.84 4.88
CA TRP A 47 3.24 -2.59 4.29
C TRP A 47 3.47 -1.42 5.23
N THR A 48 3.80 -0.27 4.66
CA THR A 48 3.62 1.01 5.35
C THR A 48 3.02 2.05 4.42
N TYR A 49 2.65 3.20 4.98
CA TYR A 49 2.08 4.29 4.19
C TYR A 49 2.20 5.62 4.93
N ASP A 50 2.20 6.70 4.16
CA ASP A 50 2.39 8.04 4.72
C ASP A 50 1.52 9.07 4.03
N ASP A 51 0.64 9.72 4.79
CA ASP A 51 -0.34 10.63 4.22
C ASP A 51 0.30 11.93 3.76
N ALA A 52 1.25 12.42 4.55
CA ALA A 52 1.90 13.69 4.26
C ALA A 52 2.54 13.67 2.88
N THR A 53 3.06 12.52 2.48
CA THR A 53 3.71 12.36 1.18
C THR A 53 2.79 11.66 0.18
N LYS A 54 1.71 11.08 0.70
CA LYS A 54 0.78 10.32 -0.13
C LYS A 54 1.48 9.17 -0.83
N THR A 55 2.24 8.39 -0.06
CA THR A 55 3.02 7.29 -0.62
C THR A 55 2.68 5.98 0.07
N PHE A 56 2.90 4.87 -0.63
CA PHE A 56 2.86 3.55 -0.01
C PHE A 56 4.17 2.81 -0.23
N THR A 57 4.52 1.95 0.72
CA THR A 57 5.71 1.11 0.60
C THR A 57 5.39 -0.35 0.95
N VAL A 58 5.84 -1.26 0.10
CA VAL A 58 5.76 -2.68 0.41
C VAL A 58 7.02 -3.42 -0.03
N GLY A 59 7.45 -4.38 0.78
CA GLY A 59 8.64 -5.16 0.48
C GLY A 59 8.77 -6.36 1.42
N GLU A 60 9.69 -7.25 1.10
CA GLU A 60 9.89 -8.47 1.89
C GLU A 60 11.29 -8.53 2.47
N ARG A 61 12.22 -7.78 1.88
CA ARG A 61 13.60 -7.79 2.30
C ARG A 61 13.84 -6.81 3.44
N LEU A 62 14.85 -7.08 4.27
CA LEU A 62 15.14 -6.25 5.42
C LEU A 62 16.43 -5.48 5.23
N ILE A 63 16.75 -5.16 3.98
CA ILE A 63 17.96 -4.42 3.66
C ILE A 63 17.63 -3.07 3.02
N PHE A 64 16.36 -2.69 3.10
CA PHE A 64 15.91 -1.42 2.53
C PHE A 64 15.38 -0.49 3.60
N LYS A 65 15.50 0.81 3.37
CA LYS A 65 14.95 1.81 4.27
C LYS A 65 13.46 1.99 4.04
N VAL A 66 12.67 1.78 5.09
CA VAL A 66 11.22 1.88 5.00
C VAL A 66 10.67 2.85 6.04
N LYS A 67 9.86 3.81 5.59
CA LYS A 67 9.22 4.75 6.49
C LYS A 67 8.02 4.11 7.18
N MET A 68 7.92 4.32 8.48
CA MET A 68 6.89 3.66 9.29
C MET A 68 5.51 4.28 9.04
N PRO A 69 4.47 3.52 9.32
CA PRO A 69 3.10 3.99 9.09
C PRO A 69 2.85 5.30 9.82
N GLU A 70 2.18 6.23 9.14
CA GLU A 70 1.75 7.48 9.76
C GLU A 70 0.40 7.31 10.45
N ASP A 71 0.34 7.70 11.72
CA ASP A 71 -0.90 7.60 12.49
C ASP A 71 -2.08 8.19 11.72
N ARG A 72 -1.87 9.39 11.17
CA ARG A 72 -2.91 10.06 10.39
C ARG A 72 -3.38 9.16 9.24
N MET A 73 -2.43 8.57 8.52
CA MET A 73 -2.76 7.73 7.38
C MET A 73 -3.55 6.50 7.81
N ASN A 74 -3.22 5.97 8.97
CA ASN A 74 -3.94 4.82 9.51
C ASN A 74 -5.39 5.17 9.81
N ASP A 75 -5.59 6.26 10.54
CA ASP A 75 -6.94 6.72 10.88
C ASP A 75 -7.73 7.10 9.64
N LEU A 76 -7.04 7.67 8.66
CA LEU A 76 -7.66 8.00 7.38
C LEU A 76 -8.23 6.76 6.71
N ALA A 77 -7.40 5.75 6.54
CA ALA A 77 -7.83 4.48 5.95
C ALA A 77 -8.95 3.86 6.78
N ARG A 78 -8.83 3.94 8.10
CA ARG A 78 -9.85 3.41 9.00
C ARG A 78 -11.23 4.00 8.68
N GLN A 79 -11.29 5.31 8.55
CA GLN A 79 -12.54 6.00 8.28
C GLN A 79 -13.04 5.68 6.87
N LEU A 80 -12.12 5.66 5.92
CA LEU A 80 -12.48 5.44 4.52
C LEU A 80 -13.10 4.07 4.31
N ARG A 81 -12.64 3.09 5.08
CA ARG A 81 -13.12 1.71 4.95
C ARG A 81 -14.55 1.58 5.43
N GLN A 82 -15.07 2.65 6.05
CA GLN A 82 -16.42 2.63 6.60
C GLN A 82 -17.45 3.00 5.54
N ARG A 83 -16.97 3.52 4.42
CA ARG A 83 -17.86 3.91 3.32
C ARG A 83 -17.57 3.10 2.06
N ASP A 84 -16.44 2.41 2.06
CA ASP A 84 -16.08 1.54 0.93
C ASP A 84 -16.85 0.22 1.01
N ASN A 85 -16.75 -0.57 -0.06
CA ASN A 85 -17.46 -1.85 -0.13
C ASN A 85 -16.58 -2.98 0.38
N VAL A 86 -17.18 -4.16 0.54
CA VAL A 86 -16.44 -5.34 0.99
C VAL A 86 -15.78 -6.05 -0.18
N SER A 87 -14.49 -6.35 -0.04
CA SER A 87 -13.75 -7.02 -1.10
C SER A 87 -14.32 -8.39 -1.39
N ARG A 88 -14.34 -8.76 -2.67
CA ARG A 88 -14.72 -10.11 -3.08
C ARG A 88 -13.50 -10.99 -3.26
N VAL A 89 -12.32 -10.42 -3.02
CA VAL A 89 -11.07 -11.15 -3.20
C VAL A 89 -10.18 -11.04 -1.98
N GLU A 90 -9.13 -11.85 -1.94
CA GLU A 90 -8.17 -11.82 -0.84
C GLU A 90 -7.70 -10.40 -0.56
N VAL A 91 -7.76 -10.00 0.71
CA VAL A 91 -7.36 -8.65 1.11
C VAL A 91 -5.84 -8.55 1.23
N THR A 92 -5.26 -7.59 0.52
CA THR A 92 -3.82 -7.37 0.56
C THR A 92 -3.49 -5.99 1.10
N ARG A 93 -4.43 -5.39 1.81
CA ARG A 93 -4.25 -4.04 2.36
C ARG A 93 -3.38 -4.07 3.61
N TYR A 94 -2.92 -2.89 4.02
CA TYR A 94 -2.27 -2.74 5.32
C TYR A 94 -3.15 -3.24 6.44
N LYS A 95 -2.59 -4.06 7.32
CA LYS A 95 -3.33 -4.58 8.47
C LYS A 95 -2.65 -4.20 9.79
N SER A 1 -6.24 12.52 -13.78
CA SER A 1 -7.62 12.98 -13.81
C SER A 1 -7.84 14.14 -12.86
N ALA A 2 -8.37 15.23 -13.39
CA ALA A 2 -8.62 16.43 -12.59
C ALA A 2 -9.57 16.13 -11.43
N GLY A 3 -9.27 16.69 -10.26
CA GLY A 3 -10.13 16.53 -9.10
C GLY A 3 -9.80 15.25 -8.35
N ILE A 4 -8.81 14.51 -8.85
CA ILE A 4 -8.40 13.26 -8.23
C ILE A 4 -6.91 13.25 -7.96
N ALA A 5 -6.53 12.90 -6.72
CA ALA A 5 -5.14 12.92 -6.31
C ALA A 5 -4.38 11.75 -6.90
N THR A 6 -3.06 11.90 -7.02
CA THR A 6 -2.19 10.80 -7.40
C THR A 6 -1.44 10.26 -6.19
N PHE A 7 -1.48 8.94 -6.03
CA PHE A 7 -0.75 8.27 -4.94
C PHE A 7 0.41 7.45 -5.48
N LYS A 8 1.47 7.34 -4.68
CA LYS A 8 2.70 6.70 -5.12
C LYS A 8 2.89 5.35 -4.44
N LEU A 9 3.38 4.37 -5.19
CA LEU A 9 3.77 3.09 -4.62
C LEU A 9 5.26 2.86 -4.78
N VAL A 10 5.93 2.56 -3.66
CA VAL A 10 7.37 2.30 -3.68
C VAL A 10 7.67 0.87 -3.25
N LEU A 11 8.31 0.11 -4.15
CA LEU A 11 8.61 -1.29 -3.89
C LEU A 11 10.11 -1.53 -3.81
N ASN A 12 10.56 -2.10 -2.70
CA ASN A 12 11.96 -2.50 -2.54
C ASN A 12 12.07 -3.87 -1.90
N GLY A 13 11.85 -4.91 -2.69
CA GLY A 13 11.93 -6.28 -2.21
C GLY A 13 13.29 -6.89 -2.47
N LYS A 14 13.35 -8.23 -2.44
CA LYS A 14 14.61 -8.94 -2.66
C LYS A 14 14.96 -8.97 -4.15
N THR A 15 13.97 -9.28 -4.97
CA THR A 15 14.17 -9.35 -6.42
C THR A 15 13.19 -8.47 -7.17
N LEU A 16 12.10 -8.12 -6.50
CA LEU A 16 11.06 -7.28 -7.10
C LEU A 16 11.17 -5.84 -6.64
N LYS A 17 11.53 -4.95 -7.57
CA LYS A 17 11.79 -3.56 -7.24
C LYS A 17 11.19 -2.62 -8.29
N GLY A 18 10.80 -1.43 -7.86
CA GLY A 18 10.38 -0.39 -8.79
C GLY A 18 9.34 0.53 -8.15
N GLU A 19 8.85 1.48 -8.92
CA GLU A 19 7.87 2.45 -8.43
C GLU A 19 6.76 2.68 -9.45
N THR A 20 5.56 2.94 -8.96
CA THR A 20 4.43 3.29 -9.82
C THR A 20 3.45 4.21 -9.10
N THR A 21 2.38 4.57 -9.79
CA THR A 21 1.39 5.49 -9.24
C THR A 21 -0.03 5.02 -9.53
N THR A 22 -1.01 5.62 -8.86
CA THR A 22 -2.41 5.42 -9.18
C THR A 22 -3.23 6.66 -8.87
N GLU A 23 -4.35 6.82 -9.57
CA GLU A 23 -5.30 7.88 -9.25
C GLU A 23 -6.36 7.40 -8.26
N ALA A 24 -6.64 8.21 -7.26
CA ALA A 24 -7.61 7.86 -6.23
C ALA A 24 -8.09 9.09 -5.47
N VAL A 25 -9.24 8.97 -4.83
CA VAL A 25 -9.80 10.07 -4.04
C VAL A 25 -9.44 9.92 -2.57
N ASP A 26 -8.92 8.75 -2.20
CA ASP A 26 -8.42 8.52 -0.86
C ASP A 26 -7.34 7.45 -0.84
N ALA A 27 -6.66 7.31 0.29
CA ALA A 27 -5.59 6.33 0.43
C ALA A 27 -6.13 4.92 0.26
N ALA A 28 -7.30 4.66 0.81
CA ALA A 28 -7.87 3.32 0.83
C ALA A 28 -8.02 2.76 -0.58
N THR A 29 -8.54 3.59 -1.48
CA THR A 29 -8.73 3.19 -2.87
C THR A 29 -7.39 2.93 -3.55
N ALA A 30 -6.44 3.82 -3.34
CA ALA A 30 -5.09 3.66 -3.89
C ALA A 30 -4.43 2.40 -3.37
N LEU A 31 -4.62 2.13 -2.07
CA LEU A 31 -3.99 0.98 -1.44
C LEU A 31 -4.51 -0.33 -2.03
N LYS A 32 -5.82 -0.37 -2.32
CA LYS A 32 -6.43 -1.54 -2.91
C LYS A 32 -5.84 -1.82 -4.30
N ASN A 33 -5.62 -0.76 -5.07
CA ASN A 33 -4.96 -0.88 -6.37
C ASN A 33 -3.52 -1.36 -6.21
N PHE A 34 -2.82 -0.79 -5.22
CA PHE A 34 -1.46 -1.18 -4.94
C PHE A 34 -1.37 -2.64 -4.50
N GLY A 35 -2.35 -3.07 -3.72
CA GLY A 35 -2.45 -4.47 -3.31
C GLY A 35 -2.46 -5.40 -4.52
N ALA A 36 -3.37 -5.13 -5.45
CA ALA A 36 -3.50 -5.94 -6.66
C ALA A 36 -2.18 -6.00 -7.40
N TYR A 37 -1.51 -4.86 -7.54
CA TYR A 37 -0.20 -4.79 -8.17
C TYR A 37 0.79 -5.73 -7.47
N ALA A 38 0.90 -5.59 -6.16
CA ALA A 38 1.84 -6.38 -5.38
C ALA A 38 1.57 -7.87 -5.53
N GLN A 39 0.29 -8.23 -5.57
CA GLN A 39 -0.12 -9.62 -5.69
C GLN A 39 0.30 -10.21 -7.03
N ASP A 40 0.17 -9.41 -8.09
CA ASP A 40 0.47 -9.88 -9.45
C ASP A 40 1.96 -10.13 -9.63
N VAL A 41 2.78 -9.24 -9.06
CA VAL A 41 4.23 -9.36 -9.19
C VAL A 41 4.78 -10.38 -8.21
N GLY A 42 4.11 -10.54 -7.07
CA GLY A 42 4.47 -11.56 -6.10
C GLY A 42 5.26 -10.97 -4.94
N VAL A 43 4.81 -9.82 -4.45
CA VAL A 43 5.37 -9.22 -3.25
C VAL A 43 4.51 -9.50 -2.03
N ASP A 44 5.15 -9.83 -0.92
CA ASP A 44 4.44 -10.10 0.33
C ASP A 44 5.34 -9.88 1.54
N GLY A 45 5.01 -8.88 2.35
CA GLY A 45 5.85 -8.50 3.48
C GLY A 45 5.14 -7.47 4.36
N ALA A 46 5.89 -6.90 5.30
CA ALA A 46 5.31 -6.01 6.29
C ALA A 46 5.15 -4.60 5.73
N TRP A 47 4.07 -4.38 4.99
CA TRP A 47 3.85 -3.12 4.29
C TRP A 47 3.40 -2.02 5.25
N THR A 48 3.64 -0.77 4.87
CA THR A 48 3.19 0.37 5.66
C THR A 48 2.89 1.56 4.76
N TYR A 49 1.99 2.43 5.23
CA TYR A 49 1.57 3.59 4.45
C TYR A 49 2.00 4.88 5.12
N ASP A 50 2.57 5.79 4.33
CA ASP A 50 2.95 7.10 4.83
C ASP A 50 1.94 8.16 4.39
N ASP A 51 1.26 8.75 5.37
CA ASP A 51 0.26 9.77 5.09
C ASP A 51 0.91 11.10 4.72
N ALA A 52 2.12 11.32 5.22
CA ALA A 52 2.81 12.59 5.03
C ALA A 52 3.12 12.82 3.56
N THR A 53 3.44 11.75 2.83
CA THR A 53 3.85 11.84 1.44
C THR A 53 2.89 11.08 0.54
N LYS A 54 1.74 10.69 1.08
CA LYS A 54 0.75 9.94 0.32
C LYS A 54 1.40 8.80 -0.46
N THR A 55 2.26 8.05 0.22
CA THR A 55 3.05 7.02 -0.45
C THR A 55 2.95 5.69 0.30
N PHE A 56 2.70 4.63 -0.46
CA PHE A 56 2.63 3.29 0.12
C PHE A 56 3.94 2.54 -0.05
N THR A 57 4.49 2.07 1.07
CA THR A 57 5.77 1.37 1.05
C THR A 57 5.58 -0.13 1.17
N VAL A 58 6.05 -0.87 0.17
CA VAL A 58 5.91 -2.32 0.15
C VAL A 58 7.25 -3.01 -0.11
N GLY A 59 7.30 -4.31 0.17
CA GLY A 59 8.51 -5.09 -0.04
C GLY A 59 8.30 -6.55 0.31
N GLU A 60 9.37 -7.34 0.24
CA GLU A 60 9.29 -8.77 0.49
C GLU A 60 9.66 -9.09 1.93
N ARG A 61 8.94 -10.05 2.53
CA ARG A 61 9.22 -10.47 3.90
C ARG A 61 10.65 -10.94 4.05
N LEU A 62 11.23 -10.67 5.22
CA LEU A 62 12.57 -11.17 5.53
C LEU A 62 12.50 -12.37 6.47
N ILE A 63 11.29 -12.88 6.69
CA ILE A 63 11.07 -13.93 7.67
C ILE A 63 10.34 -15.11 7.05
N PHE A 64 10.34 -16.24 7.75
CA PHE A 64 9.63 -17.43 7.28
C PHE A 64 8.13 -17.15 7.14
N LYS A 65 7.54 -17.66 6.05
CA LYS A 65 6.16 -17.35 5.72
C LYS A 65 5.24 -17.56 6.91
N VAL A 66 5.43 -18.68 7.61
CA VAL A 66 4.54 -19.08 8.69
C VAL A 66 4.51 -18.02 9.80
N LYS A 67 5.63 -17.34 9.98
CA LYS A 67 5.78 -16.38 11.07
C LYS A 67 5.29 -14.99 10.66
N MET A 68 4.90 -14.86 9.39
CA MET A 68 4.42 -13.59 8.86
C MET A 68 2.94 -13.40 9.13
N PRO A 69 2.60 -12.34 9.86
CA PRO A 69 1.22 -12.02 10.15
C PRO A 69 0.37 -11.95 8.89
N GLU A 70 -0.84 -12.47 8.96
CA GLU A 70 -1.73 -12.50 7.80
C GLU A 70 -2.43 -11.16 7.60
N ASP A 71 -1.64 -10.13 7.32
CA ASP A 71 -2.18 -8.79 7.14
C ASP A 71 -3.07 -8.71 5.91
N ARG A 72 -4.07 -7.84 5.95
CA ARG A 72 -4.94 -7.60 4.81
C ARG A 72 -5.02 -6.12 4.47
N MET A 73 -5.23 -5.83 3.19
CA MET A 73 -5.33 -4.45 2.73
C MET A 73 -6.58 -3.77 3.26
N ASN A 74 -7.63 -4.56 3.46
CA ASN A 74 -8.87 -4.06 4.05
C ASN A 74 -8.65 -3.61 5.50
N ASP A 75 -7.76 -4.30 6.20
CA ASP A 75 -7.47 -3.99 7.59
C ASP A 75 -6.62 -2.74 7.71
N LEU A 76 -5.62 -2.62 6.84
CA LEU A 76 -4.78 -1.45 6.79
C LEU A 76 -5.60 -0.18 6.59
N ALA A 77 -6.47 -0.20 5.57
CA ALA A 77 -7.29 0.96 5.26
C ALA A 77 -8.17 1.35 6.44
N ARG A 78 -8.78 0.36 7.08
CA ARG A 78 -9.67 0.60 8.21
C ARG A 78 -8.90 1.19 9.39
N GLN A 79 -7.67 0.75 9.57
CA GLN A 79 -6.81 1.26 10.63
C GLN A 79 -6.37 2.69 10.33
N LEU A 80 -6.02 2.95 9.08
CA LEU A 80 -5.50 4.25 8.69
C LEU A 80 -6.54 5.35 8.91
N ARG A 81 -7.80 5.02 8.63
CA ARG A 81 -8.89 5.99 8.77
C ARG A 81 -9.00 6.49 10.20
N GLN A 82 -8.44 5.73 11.13
CA GLN A 82 -8.49 6.09 12.55
C GLN A 82 -7.24 6.84 12.97
N ARG A 83 -6.32 7.03 12.02
CA ARG A 83 -5.05 7.69 12.31
C ARG A 83 -5.19 9.20 12.29
N ASP A 84 -4.58 9.86 13.27
CA ASP A 84 -4.54 11.32 13.30
C ASP A 84 -3.93 11.88 12.03
N ASN A 85 -4.60 12.86 11.43
CA ASN A 85 -4.10 13.51 10.23
C ASN A 85 -3.92 12.51 9.10
N VAL A 86 -4.75 11.48 9.08
CA VAL A 86 -4.81 10.55 7.96
C VAL A 86 -5.09 11.28 6.65
N SER A 87 -4.47 10.82 5.57
CA SER A 87 -4.66 11.42 4.26
C SER A 87 -6.12 11.82 4.04
N ARG A 88 -6.32 13.03 3.55
CA ARG A 88 -7.66 13.58 3.38
C ARG A 88 -8.35 12.97 2.17
N VAL A 89 -9.68 13.01 2.16
CA VAL A 89 -10.45 12.58 1.01
C VAL A 89 -10.68 13.72 0.03
N GLU A 90 -10.41 13.46 -1.24
CA GLU A 90 -10.51 14.49 -2.27
C GLU A 90 -11.95 14.66 -2.73
N VAL A 91 -12.26 15.86 -3.24
CA VAL A 91 -13.55 16.11 -3.87
C VAL A 91 -13.40 16.32 -5.37
N THR A 92 -14.03 15.46 -6.14
CA THR A 92 -13.91 15.49 -7.61
C THR A 92 -15.10 16.21 -8.24
N ARG A 93 -14.80 17.23 -9.04
CA ARG A 93 -15.84 18.04 -9.66
C ARG A 93 -15.79 17.93 -11.18
N TYR A 94 -15.22 16.84 -11.67
CA TYR A 94 -14.99 16.67 -13.11
C TYR A 94 -15.59 15.37 -13.60
N LYS A 95 -15.97 15.34 -14.87
CA LYS A 95 -16.49 14.12 -15.49
C LYS A 95 -15.66 13.73 -16.70
N SER A 1 -6.82 11.50 -13.75
CA SER A 1 -8.24 11.79 -13.83
C SER A 1 -8.60 12.98 -12.93
N ALA A 2 -9.39 13.90 -13.48
CA ALA A 2 -9.79 15.10 -12.75
C ALA A 2 -10.52 14.73 -11.46
N GLY A 3 -10.13 15.38 -10.36
CA GLY A 3 -10.80 15.21 -9.09
C GLY A 3 -10.26 13.98 -8.35
N ILE A 4 -9.40 13.23 -9.00
CA ILE A 4 -8.88 11.99 -8.45
C ILE A 4 -7.41 12.15 -8.04
N ALA A 5 -7.09 11.73 -6.82
CA ALA A 5 -5.76 11.90 -6.27
C ALA A 5 -4.78 10.88 -6.87
N THR A 6 -3.50 11.24 -6.90
CA THR A 6 -2.46 10.31 -7.30
C THR A 6 -1.60 9.90 -6.10
N PHE A 7 -1.42 8.59 -5.94
CA PHE A 7 -0.59 8.07 -4.85
C PHE A 7 0.62 7.33 -5.40
N LYS A 8 1.71 7.34 -4.64
CA LYS A 8 2.93 6.65 -5.03
C LYS A 8 3.19 5.44 -4.17
N LEU A 9 3.76 4.39 -4.77
CA LEU A 9 4.25 3.25 -4.01
C LEU A 9 5.71 2.98 -4.29
N VAL A 10 6.51 2.86 -3.22
CA VAL A 10 7.91 2.46 -3.35
C VAL A 10 8.07 0.97 -3.18
N LEU A 11 8.74 0.33 -4.14
CA LEU A 11 8.84 -1.11 -4.19
C LEU A 11 10.20 -1.60 -3.68
N ASN A 12 10.19 -2.28 -2.54
CA ASN A 12 11.41 -2.84 -1.97
C ASN A 12 11.25 -4.31 -1.65
N GLY A 13 10.61 -5.04 -2.55
CA GLY A 13 10.31 -6.45 -2.32
C GLY A 13 11.50 -7.33 -2.70
N LYS A 14 11.31 -8.64 -2.58
CA LYS A 14 12.37 -9.59 -2.90
C LYS A 14 12.81 -9.48 -4.36
N THR A 15 11.83 -9.53 -5.26
CA THR A 15 12.09 -9.35 -6.69
C THR A 15 11.37 -8.12 -7.22
N LEU A 16 10.53 -7.52 -6.39
CA LEU A 16 9.71 -6.38 -6.81
C LEU A 16 10.35 -5.07 -6.41
N LYS A 17 11.03 -4.43 -7.35
CA LYS A 17 11.81 -3.23 -7.06
C LYS A 17 11.52 -2.12 -8.08
N GLY A 18 11.50 -0.89 -7.60
CA GLY A 18 11.23 0.26 -8.45
C GLY A 18 10.13 1.14 -7.89
N GLU A 19 9.41 1.82 -8.78
CA GLU A 19 8.34 2.71 -8.37
C GLU A 19 7.08 2.49 -9.20
N THR A 20 5.92 2.70 -8.59
CA THR A 20 4.66 2.69 -9.30
C THR A 20 3.64 3.62 -8.64
N THR A 21 2.66 4.05 -9.42
CA THR A 21 1.63 4.96 -8.92
C THR A 21 0.23 4.44 -9.23
N THR A 22 -0.77 5.06 -8.63
CA THR A 22 -2.16 4.76 -8.95
C THR A 22 -3.05 5.99 -8.77
N GLU A 23 -4.14 6.03 -9.51
CA GLU A 23 -5.21 7.00 -9.25
C GLU A 23 -6.20 6.47 -8.23
N ALA A 24 -6.62 7.33 -7.31
CA ALA A 24 -7.56 6.95 -6.27
C ALA A 24 -8.28 8.17 -5.70
N VAL A 25 -9.46 7.93 -5.13
CA VAL A 25 -10.19 8.98 -4.43
C VAL A 25 -9.62 9.20 -3.03
N ASP A 26 -8.97 8.17 -2.50
CA ASP A 26 -8.39 8.25 -1.16
C ASP A 26 -7.28 7.22 -0.99
N ALA A 27 -6.67 7.22 0.19
CA ALA A 27 -5.49 6.39 0.44
C ALA A 27 -5.88 4.92 0.59
N ALA A 28 -7.01 4.67 1.24
CA ALA A 28 -7.52 3.32 1.41
C ALA A 28 -7.73 2.64 0.06
N THR A 29 -8.27 3.39 -0.90
CA THR A 29 -8.46 2.88 -2.25
C THR A 29 -7.13 2.65 -2.95
N ALA A 30 -6.21 3.59 -2.80
CA ALA A 30 -4.88 3.47 -3.39
C ALA A 30 -4.17 2.22 -2.90
N LEU A 31 -4.31 1.94 -1.61
CA LEU A 31 -3.70 0.75 -1.02
C LEU A 31 -4.27 -0.52 -1.63
N LYS A 32 -5.59 -0.55 -1.78
CA LYS A 32 -6.27 -1.68 -2.42
C LYS A 32 -5.70 -1.93 -3.81
N ASN A 33 -5.58 -0.88 -4.59
CA ASN A 33 -5.01 -0.99 -5.94
C ASN A 33 -3.58 -1.49 -5.90
N PHE A 34 -2.80 -0.96 -4.97
CA PHE A 34 -1.40 -1.36 -4.83
C PHE A 34 -1.29 -2.82 -4.41
N GLY A 35 -2.22 -3.26 -3.57
CA GLY A 35 -2.32 -4.67 -3.20
C GLY A 35 -2.48 -5.54 -4.44
N ALA A 36 -3.45 -5.19 -5.29
CA ALA A 36 -3.69 -5.93 -6.52
C ALA A 36 -2.44 -5.99 -7.38
N TYR A 37 -1.71 -4.88 -7.46
CA TYR A 37 -0.45 -4.84 -8.18
C TYR A 37 0.52 -5.88 -7.65
N ALA A 38 0.71 -5.92 -6.34
CA ALA A 38 1.59 -6.89 -5.70
C ALA A 38 1.15 -8.31 -6.01
N GLN A 39 -0.16 -8.54 -6.04
CA GLN A 39 -0.70 -9.86 -6.33
C GLN A 39 -0.43 -10.27 -7.77
N ASP A 40 -0.56 -9.31 -8.69
CA ASP A 40 -0.36 -9.58 -10.10
C ASP A 40 1.08 -10.00 -10.38
N VAL A 41 2.02 -9.39 -9.67
CA VAL A 41 3.43 -9.71 -9.84
C VAL A 41 3.85 -10.85 -8.92
N GLY A 42 3.04 -11.12 -7.91
CA GLY A 42 3.19 -12.31 -7.09
C GLY A 42 4.33 -12.16 -6.09
N VAL A 43 4.49 -10.95 -5.57
CA VAL A 43 5.54 -10.66 -4.61
C VAL A 43 4.97 -10.06 -3.33
N ASP A 44 5.10 -10.77 -2.22
CA ASP A 44 4.55 -10.32 -0.95
C ASP A 44 5.52 -9.39 -0.23
N GLY A 45 5.01 -8.68 0.77
CA GLY A 45 5.85 -7.84 1.61
C GLY A 45 5.01 -7.08 2.64
N ALA A 46 5.69 -6.43 3.59
CA ALA A 46 5.01 -5.61 4.58
C ALA A 46 4.71 -4.21 4.04
N TRP A 47 3.63 -3.62 4.50
CA TRP A 47 3.14 -2.36 3.95
C TRP A 47 3.21 -1.25 5.00
N THR A 48 3.61 -0.06 4.55
CA THR A 48 3.44 1.15 5.36
C THR A 48 2.86 2.29 4.54
N TYR A 49 2.47 3.36 5.21
CA TYR A 49 1.89 4.52 4.55
C TYR A 49 2.32 5.82 5.24
N ASP A 50 2.72 6.80 4.44
CA ASP A 50 3.05 8.12 4.96
C ASP A 50 2.11 9.19 4.41
N ASP A 51 1.11 9.55 5.20
CA ASP A 51 0.09 10.49 4.77
C ASP A 51 0.70 11.85 4.46
N ALA A 52 1.79 12.18 5.15
CA ALA A 52 2.46 13.46 4.96
C ALA A 52 2.93 13.63 3.53
N THR A 53 3.27 12.52 2.89
CA THR A 53 3.77 12.53 1.51
C THR A 53 2.89 11.70 0.59
N LYS A 54 1.75 11.24 1.12
CA LYS A 54 0.81 10.47 0.33
C LYS A 54 1.50 9.33 -0.41
N THR A 55 2.42 8.66 0.27
CA THR A 55 3.25 7.63 -0.36
C THR A 55 3.20 6.33 0.42
N PHE A 56 3.06 5.22 -0.31
CA PHE A 56 3.11 3.90 0.30
C PHE A 56 4.48 3.26 0.10
N THR A 57 4.83 2.32 0.98
CA THR A 57 6.00 1.48 0.78
C THR A 57 5.67 0.01 1.03
N VAL A 58 6.17 -0.86 0.16
CA VAL A 58 6.13 -2.30 0.41
C VAL A 58 7.53 -2.90 0.36
N GLY A 59 7.83 -3.74 1.35
CA GLY A 59 9.17 -4.30 1.48
C GLY A 59 9.10 -5.77 1.90
N GLU A 60 10.12 -6.54 1.51
CA GLU A 60 10.21 -7.94 1.91
C GLU A 60 10.16 -8.09 3.42
N ARG A 61 9.36 -9.03 3.90
CA ARG A 61 9.20 -9.26 5.34
C ARG A 61 10.48 -9.83 5.95
N LEU A 62 10.77 -9.41 7.18
CA LEU A 62 11.87 -9.99 7.93
C LEU A 62 11.40 -11.12 8.83
N ILE A 63 10.10 -11.37 8.82
CA ILE A 63 9.50 -12.43 9.63
C ILE A 63 8.79 -13.46 8.78
N PHE A 64 9.04 -14.74 9.07
CA PHE A 64 8.47 -15.83 8.29
C PHE A 64 7.02 -16.08 8.68
N LYS A 65 6.19 -16.39 7.69
CA LYS A 65 4.78 -16.68 7.93
C LYS A 65 4.62 -17.90 8.84
N VAL A 66 5.66 -18.72 8.93
CA VAL A 66 5.67 -19.87 9.82
C VAL A 66 5.63 -19.45 11.28
N LYS A 67 6.33 -18.36 11.59
CA LYS A 67 6.53 -17.94 12.97
C LYS A 67 5.26 -17.34 13.54
N MET A 68 4.65 -16.41 12.80
CA MET A 68 3.45 -15.73 13.24
C MET A 68 2.53 -15.42 12.06
N PRO A 69 1.24 -15.27 12.34
CA PRO A 69 0.27 -14.91 11.32
C PRO A 69 0.71 -13.68 10.53
N GLU A 70 0.53 -13.72 9.22
CA GLU A 70 0.96 -12.62 8.36
C GLU A 70 0.20 -11.34 8.68
N ASP A 71 0.92 -10.21 8.71
CA ASP A 71 0.29 -8.91 8.79
C ASP A 71 -0.28 -8.49 7.44
N ARG A 72 -1.38 -9.11 7.05
CA ARG A 72 -1.92 -8.93 5.70
C ARG A 72 -2.31 -7.47 5.45
N MET A 73 -2.08 -7.01 4.22
CA MET A 73 -2.42 -5.65 3.84
C MET A 73 -3.86 -5.33 4.18
N ASN A 74 -4.75 -6.28 3.94
CA ASN A 74 -6.18 -6.06 4.12
C ASN A 74 -6.52 -5.77 5.58
N ASP A 75 -5.69 -6.29 6.48
CA ASP A 75 -5.88 -6.05 7.91
C ASP A 75 -5.19 -4.76 8.34
N LEU A 76 -4.05 -4.46 7.74
CA LEU A 76 -3.37 -3.19 7.95
C LEU A 76 -4.21 -2.03 7.44
N ALA A 77 -4.98 -2.28 6.37
CA ALA A 77 -5.83 -1.25 5.78
C ALA A 77 -6.88 -0.78 6.77
N ARG A 78 -7.13 -1.59 7.80
CA ARG A 78 -8.19 -1.30 8.76
C ARG A 78 -8.00 0.07 9.40
N GLN A 79 -6.76 0.55 9.39
CA GLN A 79 -6.45 1.89 9.91
C GLN A 79 -6.99 2.96 8.98
N LEU A 80 -6.72 2.81 7.69
CA LEU A 80 -7.13 3.79 6.69
C LEU A 80 -8.66 3.80 6.55
N ARG A 81 -9.28 2.65 6.76
CA ARG A 81 -10.73 2.53 6.63
C ARG A 81 -11.45 3.50 7.55
N GLN A 82 -10.78 3.87 8.63
CA GLN A 82 -11.37 4.76 9.63
C GLN A 82 -10.70 6.13 9.62
N ARG A 83 -9.40 6.15 9.37
CA ARG A 83 -8.62 7.37 9.49
C ARG A 83 -8.74 8.23 8.24
N ASP A 84 -8.93 7.57 7.09
CA ASP A 84 -8.93 8.27 5.81
C ASP A 84 -10.26 8.96 5.54
N ASN A 85 -10.30 9.78 4.50
CA ASN A 85 -11.54 10.44 4.09
C ASN A 85 -12.63 9.42 3.78
N VAL A 86 -13.86 9.72 4.19
CA VAL A 86 -14.99 8.85 3.93
C VAL A 86 -15.97 9.49 2.95
N SER A 87 -15.73 10.76 2.62
CA SER A 87 -16.59 11.48 1.70
C SER A 87 -16.19 11.21 0.25
N ARG A 88 -17.06 11.59 -0.68
CA ARG A 88 -16.78 11.44 -2.10
C ARG A 88 -16.09 12.67 -2.66
N VAL A 89 -15.03 12.46 -3.43
CA VAL A 89 -14.32 13.57 -4.07
C VAL A 89 -15.10 14.13 -5.25
N GLU A 90 -14.98 15.44 -5.45
CA GLU A 90 -15.63 16.10 -6.58
C GLU A 90 -14.90 15.82 -7.88
N VAL A 91 -15.65 15.37 -8.89
CA VAL A 91 -15.08 15.00 -10.17
C VAL A 91 -15.68 15.82 -11.30
N THR A 92 -14.81 16.41 -12.13
CA THR A 92 -15.26 17.21 -13.26
C THR A 92 -16.05 16.37 -14.25
N ARG A 93 -17.21 16.90 -14.67
CA ARG A 93 -18.03 16.23 -15.66
C ARG A 93 -17.61 16.61 -17.07
N TYR A 94 -17.47 15.61 -17.94
CA TYR A 94 -17.10 15.84 -19.33
C TYR A 94 -18.16 15.32 -20.28
N LYS A 95 -18.24 15.92 -21.46
CA LYS A 95 -19.17 15.48 -22.49
C LYS A 95 -18.45 15.09 -23.76
#